data_3UWS
#
_entry.id   3UWS
#
_cell.length_a   39.112
_cell.length_b   108.683
_cell.length_c   77.971
_cell.angle_alpha   90.000
_cell.angle_beta   94.320
_cell.angle_gamma   90.000
#
_symmetry.space_group_name_H-M   'P 1 21 1'
#
loop_
_entity.id
_entity.type
_entity.pdbx_description
1 polymer 'hypothetical protein'
2 polymer 'hypothetical protein'
3 non-polymer 1,2-ETHANEDIOL
4 water water
#
loop_
_entity_poly.entity_id
_entity_poly.type
_entity_poly.pdbx_seq_one_letter_code
_entity_poly.pdbx_strand_id
1 'polypeptide(L)'
;GETPEPRTTRTILVY(MSE)(MSE)ANNSLNSFASKNIES(MSE)IEGATSKNLNGGNLIVYYAPAGSPPELLRIKEENG
VVKKIHLKDYEKQNSADPDV(MSE)RSVIGEVVSQYPADSYGLVLWSHGTAWLPSDYQNKLK
;
A,C
2 'polypeptide(L)'
;AFGQDGNNW(MSE)EIDDLAKGLPDDLFDFILFDACY(MSE)ASVECTYELRNKAEYILASPTET(MSE)ADGWPYEE
(MSE)(MSE)PQLFATDLQLEKVGETFYNHYLNNTYPYATVSLTKTSELDNLKSAIHDILADKTESDIYSLDPKN(MSE)
QRLEYLYRSPG(MSE)LYDFNDYIKQLATAEQYDRFISCLDKAVVYKAHTPKSYYAAIGNALPIKSYCGLTIFVPQESLP
K(MSE)LEWYKQRVGWYKAVYE
;
B,D
#
loop_
_chem_comp.id
_chem_comp.type
_chem_comp.name
_chem_comp.formula
EDO non-polymer 1,2-ETHANEDIOL 'C2 H6 O2'
#
# COMPACT_ATOMS: atom_id res chain seq x y z
N THR A 3 -7.02 20.55 -11.17
CA THR A 3 -6.81 19.68 -12.35
C THR A 3 -5.82 18.51 -12.04
N PRO A 4 -6.14 17.62 -11.06
CA PRO A 4 -5.19 16.56 -10.67
CA PRO A 4 -5.15 16.58 -10.70
C PRO A 4 -4.92 15.54 -11.78
N GLU A 5 -3.74 14.94 -11.77
CA GLU A 5 -3.40 13.89 -12.70
CA GLU A 5 -3.40 13.88 -12.70
C GLU A 5 -4.23 12.64 -12.33
N PRO A 6 -4.49 11.75 -13.30
CA PRO A 6 -5.16 10.49 -12.94
C PRO A 6 -4.37 9.74 -11.88
N ARG A 7 -5.06 9.13 -10.92
CA ARG A 7 -4.40 8.37 -9.88
C ARG A 7 -3.55 7.27 -10.51
N THR A 8 -2.32 7.13 -10.02
CA THR A 8 -1.41 6.12 -10.53
CA THR A 8 -1.39 6.14 -10.54
C THR A 8 -1.02 5.16 -9.43
N THR A 9 -0.15 4.22 -9.75
CA THR A 9 0.31 3.24 -8.77
C THR A 9 1.17 3.84 -7.66
N ARG A 10 2.09 4.75 -8.01
CA ARG A 10 3.00 5.32 -7.02
C ARG A 10 3.41 6.73 -7.37
N THR A 11 3.46 7.59 -6.36
CA THR A 11 4.09 8.91 -6.43
C THR A 11 5.22 8.94 -5.40
N ILE A 12 6.38 9.37 -5.84
CA ILE A 12 7.50 9.57 -4.95
C ILE A 12 7.85 11.05 -5.03
N LEU A 13 7.98 11.65 -3.86
CA LEU A 13 8.47 13.04 -3.71
C LEU A 13 9.84 13.03 -3.13
N VAL A 14 10.76 13.74 -3.78
CA VAL A 14 12.13 13.92 -3.26
C VAL A 14 12.17 15.35 -2.74
N TYR A 15 12.39 15.52 -1.45
CA TYR A 15 12.35 16.84 -0.79
C TYR A 15 13.79 17.15 -0.46
N MSE A 16 14.37 18.07 -1.26
CA MSE A 16 15.81 18.36 -1.24
C MSE A 16 16.11 19.70 -0.57
O MSE A 16 15.89 20.77 -1.17
CB MSE A 16 16.35 18.33 -2.66
CG MSE A 16 16.20 17.00 -3.29
SE MSE A 16 16.96 16.94 -5.04
CE MSE A 16 18.73 16.39 -4.43
N MSE A 17 16.60 19.65 0.66
CA MSE A 17 17.06 20.85 1.38
C MSE A 17 18.54 21.00 1.16
O MSE A 17 19.34 20.36 1.86
CB MSE A 17 16.69 20.82 2.86
CG MSE A 17 15.27 21.15 3.05
SE MSE A 17 14.79 21.13 4.93
CE MSE A 17 14.50 19.29 4.95
N ALA A 18 18.88 21.81 0.17
CA ALA A 18 20.23 21.98 -0.32
C ALA A 18 20.79 23.42 -0.17
N ASN A 19 20.11 24.27 0.60
CA ASN A 19 20.56 25.63 0.95
C ASN A 19 21.51 25.49 2.15
N ASN A 20 22.67 24.93 1.83
CA ASN A 20 23.71 24.50 2.78
C ASN A 20 24.91 23.97 1.95
N SER A 21 25.90 23.35 2.61
CA SER A 21 27.10 22.79 1.95
C SER A 21 26.94 21.66 0.93
N LEU A 22 25.78 21.01 0.90
CA LEU A 22 25.49 19.99 -0.11
C LEU A 22 24.99 20.57 -1.44
N ASN A 23 24.81 21.90 -1.50
CA ASN A 23 24.35 22.60 -2.73
C ASN A 23 24.89 22.02 -4.03
N SER A 24 26.22 21.92 -4.14
CA SER A 24 26.86 21.39 -5.37
C SER A 24 26.47 19.94 -5.72
N PHE A 25 26.21 19.13 -4.70
CA PHE A 25 25.85 17.72 -4.91
C PHE A 25 24.39 17.49 -5.26
N ALA A 26 23.51 18.45 -4.95
CA ALA A 26 22.08 18.27 -5.25
C ALA A 26 21.88 18.09 -6.76
N SER A 27 22.56 18.92 -7.55
CA SER A 27 22.47 18.87 -9.00
CA SER A 27 22.47 18.87 -9.00
C SER A 27 22.92 17.51 -9.57
N LYS A 28 24.01 16.95 -9.03
CA LYS A 28 24.53 15.62 -9.44
C LYS A 28 23.49 14.53 -9.15
N ASN A 29 22.85 14.62 -7.98
CA ASN A 29 21.81 13.65 -7.60
CA ASN A 29 21.82 13.66 -7.57
C ASN A 29 20.59 13.74 -8.51
N ILE A 30 20.19 14.96 -8.86
CA ILE A 30 19.06 15.16 -9.79
C ILE A 30 19.39 14.58 -11.16
N GLU A 31 20.60 14.82 -11.65
CA GLU A 31 21.04 14.25 -12.93
CA GLU A 31 21.03 14.25 -12.93
C GLU A 31 21.02 12.71 -12.89
N SER A 32 21.39 12.13 -11.75
CA SER A 32 21.31 10.67 -11.61
CA SER A 32 21.30 10.67 -11.57
C SER A 32 19.85 10.18 -11.68
N MSE A 33 18.93 10.92 -11.06
CA MSE A 33 17.49 10.63 -11.14
C MSE A 33 17.01 10.72 -12.61
O MSE A 33 16.26 9.88 -13.07
CB MSE A 33 16.68 11.58 -10.28
CG MSE A 33 16.93 11.51 -8.81
SE MSE A 33 16.03 12.98 -7.86
CE MSE A 33 17.35 13.21 -6.45
N ILE A 34 17.46 11.74 -13.32
CA ILE A 34 17.13 11.91 -14.74
C ILE A 34 17.60 10.71 -15.58
N GLU A 35 18.79 10.18 -15.29
CA GLU A 35 19.29 9.00 -16.02
C GLU A 35 18.44 7.76 -15.77
N GLY A 36 17.89 7.63 -14.56
CA GLY A 36 17.08 6.50 -14.17
C GLY A 36 15.61 6.61 -14.49
N ALA A 37 15.08 7.83 -14.60
CA ALA A 37 13.63 8.03 -14.70
C ALA A 37 12.99 7.91 -16.09
N THR A 38 13.32 6.83 -16.79
CA THR A 38 12.70 6.52 -18.07
C THR A 38 11.23 6.12 -17.87
N SER A 39 10.40 6.20 -18.91
CA SER A 39 8.99 5.71 -18.85
CA SER A 39 8.99 5.75 -18.76
C SER A 39 8.94 4.26 -18.33
N LYS A 40 9.82 3.42 -18.87
CA LYS A 40 9.85 2.01 -18.45
C LYS A 40 10.16 1.90 -16.96
N ASN A 41 11.18 2.60 -16.50
CA ASN A 41 11.58 2.54 -15.08
C ASN A 41 10.55 3.15 -14.13
N LEU A 42 9.89 4.24 -14.52
CA LEU A 42 8.86 4.86 -13.65
C LEU A 42 7.61 4.01 -13.57
N ASN A 43 7.39 3.13 -14.56
CA ASN A 43 6.32 2.10 -14.46
C ASN A 43 4.96 2.75 -14.17
N GLY A 44 4.70 3.87 -14.82
CA GLY A 44 3.48 4.66 -14.66
C GLY A 44 3.43 5.61 -13.48
N GLY A 45 4.45 5.60 -12.62
CA GLY A 45 4.47 6.40 -11.42
C GLY A 45 4.94 7.82 -11.69
N ASN A 46 4.82 8.67 -10.68
CA ASN A 46 5.22 10.07 -10.73
C ASN A 46 6.44 10.27 -9.88
N LEU A 47 7.43 10.99 -10.44
CA LEU A 47 8.64 11.40 -9.71
C LEU A 47 8.65 12.89 -9.65
N ILE A 48 8.42 13.39 -8.44
CA ILE A 48 8.32 14.83 -8.17
C ILE A 48 9.47 15.24 -7.25
N VAL A 49 10.10 16.37 -7.54
CA VAL A 49 11.23 16.87 -6.77
C VAL A 49 10.96 18.29 -6.30
N TYR A 50 11.03 18.49 -4.98
CA TYR A 50 11.04 19.83 -4.37
C TYR A 50 12.52 20.13 -4.15
N TYR A 51 13.01 21.13 -4.87
CA TYR A 51 14.41 21.47 -4.89
C TYR A 51 14.64 22.86 -4.27
N ALA A 52 15.35 22.90 -3.15
CA ALA A 52 15.64 24.15 -2.42
C ALA A 52 17.17 24.33 -2.34
N PRO A 53 17.77 24.91 -3.39
CA PRO A 53 19.22 25.14 -3.39
C PRO A 53 19.63 26.43 -2.71
N ALA A 54 20.94 26.69 -2.70
N ALA A 54 20.94 26.61 -2.59
CA ALA A 54 21.52 27.87 -2.06
CA ALA A 54 21.50 27.88 -2.15
C ALA A 54 21.26 29.22 -2.75
C ALA A 54 21.47 28.81 -3.34
N GLY A 55 21.56 29.34 -4.03
N GLY A 55 21.32 30.11 -3.10
CA GLY A 55 21.52 30.66 -4.66
CA GLY A 55 21.38 31.09 -4.18
C GLY A 55 20.26 31.12 -5.36
C GLY A 55 20.10 31.45 -4.92
N SER A 56 19.11 30.53 -5.00
CA SER A 56 17.84 30.84 -5.68
C SER A 56 16.65 30.24 -4.93
N PRO A 57 15.42 30.69 -5.27
CA PRO A 57 14.26 30.22 -4.50
C PRO A 57 13.90 28.78 -4.85
N PRO A 58 13.13 28.10 -3.98
CA PRO A 58 12.82 26.72 -4.29
C PRO A 58 11.94 26.54 -5.53
N GLU A 59 12.01 25.33 -6.09
CA GLU A 59 11.19 24.96 -7.20
C GLU A 59 10.67 23.54 -7.09
N LEU A 60 9.50 23.34 -7.68
CA LEU A 60 8.89 22.04 -7.77
C LEU A 60 9.06 21.57 -9.23
N LEU A 61 9.54 20.34 -9.38
CA LEU A 61 9.90 19.74 -10.67
C LEU A 61 9.24 18.39 -10.81
N ARG A 62 8.87 18.02 -12.04
CA ARG A 62 8.49 16.64 -12.36
C ARG A 62 9.56 16.12 -13.27
N ILE A 63 9.97 14.86 -13.08
CA ILE A 63 10.98 14.24 -13.91
C ILE A 63 10.24 13.19 -14.73
N LYS A 64 10.26 13.31 -16.06
CA LYS A 64 9.49 12.39 -16.90
CA LYS A 64 9.41 12.51 -16.93
C LYS A 64 10.03 12.39 -18.32
N GLU A 65 9.98 11.20 -18.91
CA GLU A 65 10.42 11.01 -20.28
C GLU A 65 9.35 11.42 -21.27
N GLU A 66 9.75 12.17 -22.28
CA GLU A 66 8.90 12.54 -23.41
C GLU A 66 9.74 12.50 -24.66
N ASN A 67 9.23 11.85 -25.71
CA ASN A 67 9.94 11.74 -26.95
C ASN A 67 11.41 11.27 -26.77
N GLY A 68 11.56 10.22 -25.97
CA GLY A 68 12.87 9.57 -25.78
C GLY A 68 13.89 10.26 -24.90
N VAL A 69 13.51 11.38 -24.27
CA VAL A 69 14.41 12.19 -23.44
C VAL A 69 13.77 12.42 -22.08
N VAL A 70 14.47 12.05 -21.01
CA VAL A 70 13.98 12.34 -19.65
C VAL A 70 14.25 13.81 -19.35
N LYS A 71 13.19 14.56 -19.04
CA LYS A 71 13.25 16.02 -18.86
C LYS A 71 12.93 16.39 -17.42
N LYS A 72 13.50 17.51 -16.96
CA LYS A 72 13.07 18.18 -15.71
C LYS A 72 12.01 19.16 -16.16
N ILE A 73 10.77 18.95 -15.72
CA ILE A 73 9.66 19.80 -16.07
C ILE A 73 9.40 20.71 -14.89
N HIS A 74 9.42 22.02 -15.16
CA HIS A 74 9.18 23.03 -14.16
CA HIS A 74 9.18 23.01 -14.11
C HIS A 74 7.71 23.09 -13.83
N LEU A 75 7.33 22.82 -12.58
CA LEU A 75 5.93 22.88 -12.16
C LEU A 75 5.64 24.23 -11.54
N LYS A 76 6.48 24.67 -10.62
CA LYS A 76 6.34 26.01 -10.05
C LYS A 76 7.57 26.51 -9.35
N ASP A 77 7.65 27.83 -9.22
CA ASP A 77 8.69 28.50 -8.50
C ASP A 77 8.04 28.96 -7.24
N TYR A 78 8.69 28.75 -6.11
CA TYR A 78 8.23 29.30 -4.84
C TYR A 78 8.94 30.61 -4.60
N GLU A 79 8.37 31.46 -3.75
CA GLU A 79 9.09 32.60 -3.24
C GLU A 79 10.00 32.09 -2.13
N LYS A 80 10.97 32.90 -1.78
CA LYS A 80 11.88 32.57 -0.67
C LYS A 80 11.07 32.05 0.54
N GLN A 81 11.45 30.90 1.06
CA GLN A 81 10.74 30.28 2.19
C GLN A 81 11.65 29.35 2.93
N ASN A 82 11.34 29.14 4.19
CA ASN A 82 12.11 28.25 5.04
C ASN A 82 11.64 26.80 4.82
N SER A 83 12.39 26.03 4.04
CA SER A 83 12.07 24.65 3.74
C SER A 83 12.14 23.72 4.95
N ALA A 84 12.83 24.15 6.01
CA ALA A 84 12.91 23.42 7.28
C ALA A 84 11.76 23.77 8.25
N ASP A 85 10.84 24.65 7.85
CA ASP A 85 9.64 24.94 8.65
C ASP A 85 8.67 23.78 8.37
N PRO A 86 8.23 23.06 9.42
CA PRO A 86 7.26 21.96 9.21
C PRO A 86 6.00 22.36 8.47
N ASP A 87 5.52 23.59 8.64
CA ASP A 87 4.36 24.07 7.92
C ASP A 87 4.62 24.09 6.40
N VAL A 88 5.82 24.51 6.01
CA VAL A 88 6.22 24.59 4.60
C VAL A 88 6.29 23.18 4.06
N MSE A 89 6.97 22.26 4.77
CA MSE A 89 7.03 20.86 4.34
C MSE A 89 5.64 20.27 4.16
O MSE A 89 5.39 19.64 3.13
CB MSE A 89 7.84 20.00 5.30
CG MSE A 89 7.88 18.54 4.89
SE MSE A 89 8.97 17.49 6.10
CE MSE A 89 10.65 17.96 5.31
N ARG A 90 4.75 20.46 5.14
CA ARG A 90 3.38 19.92 5.05
C ARG A 90 2.67 20.46 3.85
N SER A 91 2.83 21.75 3.59
CA SER A 91 2.16 22.40 2.46
CA SER A 91 2.15 22.40 2.46
C SER A 91 2.65 21.87 1.12
N VAL A 92 3.97 21.68 0.99
CA VAL A 92 4.55 21.11 -0.25
C VAL A 92 4.05 19.69 -0.44
N ILE A 93 4.13 18.90 0.61
CA ILE A 93 3.62 17.52 0.52
C ILE A 93 2.16 17.49 0.06
N GLY A 94 1.34 18.36 0.65
CA GLY A 94 -0.06 18.48 0.29
C GLY A 94 -0.29 18.85 -1.15
N GLU A 95 0.49 19.83 -1.67
CA GLU A 95 0.40 20.22 -3.08
C GLU A 95 0.69 19.04 -3.99
N VAL A 96 1.70 18.26 -3.62
CA VAL A 96 2.18 17.13 -4.46
C VAL A 96 1.17 16.00 -4.47
N VAL A 97 0.72 15.62 -3.28
CA VAL A 97 -0.26 14.52 -3.12
C VAL A 97 -1.58 14.87 -3.80
N SER A 98 -2.01 16.12 -3.70
CA SER A 98 -3.23 16.57 -4.33
C SER A 98 -3.18 16.52 -5.85
N GLN A 99 -2.06 16.93 -6.43
CA GLN A 99 -1.94 16.98 -7.88
C GLN A 99 -1.53 15.64 -8.52
N TYR A 100 -0.85 14.79 -7.77
CA TYR A 100 -0.25 13.51 -8.22
C TYR A 100 -0.75 12.37 -7.32
N PRO A 101 -2.07 12.16 -7.27
CA PRO A 101 -2.60 11.11 -6.41
C PRO A 101 -2.09 9.71 -6.84
N ALA A 102 -1.96 8.83 -5.86
CA ALA A 102 -1.47 7.48 -6.11
C ALA A 102 -2.00 6.48 -5.10
N ASP A 103 -1.83 5.21 -5.44
CA ASP A 103 -2.16 4.12 -4.52
C ASP A 103 -1.15 3.98 -3.42
N SER A 104 0.07 4.45 -3.65
CA SER A 104 1.12 4.41 -2.66
CA SER A 104 1.18 4.34 -2.73
C SER A 104 2.04 5.59 -2.85
N TYR A 105 2.64 6.03 -1.75
CA TYR A 105 3.49 7.19 -1.74
C TYR A 105 4.79 6.88 -1.06
N GLY A 106 5.86 7.48 -1.56
CA GLY A 106 7.18 7.39 -1.00
C GLY A 106 7.76 8.78 -0.87
N LEU A 107 8.58 8.97 0.15
CA LEU A 107 9.25 10.22 0.41
C LEU A 107 10.72 9.98 0.50
N VAL A 108 11.50 10.73 -0.28
CA VAL A 108 12.95 10.78 -0.10
C VAL A 108 13.29 12.11 0.57
N LEU A 109 13.89 12.03 1.76
CA LEU A 109 14.27 13.23 2.53
C LEU A 109 15.77 13.39 2.35
N TRP A 110 16.16 14.46 1.68
CA TRP A 110 17.53 14.69 1.26
C TRP A 110 18.06 15.94 1.89
N SER A 111 19.04 15.81 2.77
CA SER A 111 19.71 16.98 3.37
C SER A 111 20.80 16.51 4.30
N HIS A 112 21.35 17.42 5.10
CA HIS A 112 22.19 17.02 6.22
C HIS A 112 21.36 16.39 7.29
N GLY A 113 21.96 15.49 8.06
CA GLY A 113 21.27 14.86 9.17
C GLY A 113 22.20 14.58 10.32
N THR A 114 21.65 14.62 11.54
CA THR A 114 22.38 14.36 12.77
C THR A 114 21.47 13.59 13.76
N ALA A 115 20.74 12.61 13.25
CA ALA A 115 19.84 11.76 14.06
C ALA A 115 18.86 12.68 14.83
N TRP A 116 18.71 12.44 16.14
CA TRP A 116 17.82 13.21 17.04
C TRP A 116 18.51 14.43 17.60
N LEU A 117 19.81 14.60 17.34
CA LEU A 117 20.58 15.59 18.04
C LEU A 117 20.03 17.00 17.85
N PRO A 118 20.06 17.81 18.91
CA PRO A 118 19.66 19.19 18.75
C PRO A 118 20.61 19.86 17.74
N SER A 119 20.08 20.76 16.93
CA SER A 119 20.94 21.45 15.94
C SER A 119 22.05 22.28 16.56
N ASP A 120 21.83 22.77 17.80
CA ASP A 120 22.83 23.47 18.61
C ASP A 120 23.60 22.53 19.58
N TYR A 121 23.79 21.27 19.19
CA TYR A 121 24.47 20.30 20.10
C TYR A 121 25.84 20.74 20.53
N GLN A 122 26.55 21.53 19.71
CA GLN A 122 27.91 21.95 20.08
CA GLN A 122 27.91 21.99 20.07
C GLN A 122 27.97 22.77 21.37
N ASN A 123 26.85 23.38 21.73
CA ASN A 123 26.70 24.14 22.96
C ASN A 123 26.28 23.30 24.16
N LYS A 124 25.97 22.02 23.97
CA LYS A 124 25.55 21.13 25.05
C LYS A 124 26.60 20.07 25.38
N LEU A 125 27.87 20.31 25.05
CA LEU A 125 28.95 19.30 25.30
C LEU A 125 29.71 19.39 26.65
N LYS A 126 29.46 20.41 27.47
CA LYS A 126 30.19 20.57 28.76
C LYS A 126 29.34 20.37 30.04
N ALA B 1 19.17 16.28 14.40
CA ALA B 1 18.33 17.21 13.57
C ALA B 1 18.36 16.71 12.13
N PHE B 2 17.45 17.22 11.31
CA PHE B 2 17.42 16.86 9.89
C PHE B 2 17.06 18.08 9.11
N GLY B 3 17.76 18.35 8.00
CA GLY B 3 17.32 19.39 7.12
C GLY B 3 17.84 20.74 7.49
N GLN B 4 18.86 21.19 6.78
CA GLN B 4 19.43 22.51 6.99
C GLN B 4 19.01 23.44 5.86
N ASP B 5 18.35 24.54 6.21
CA ASP B 5 17.96 25.61 5.28
C ASP B 5 18.53 26.91 5.85
N GLY B 6 19.70 27.31 5.32
CA GLY B 6 20.44 28.46 5.87
C GLY B 6 20.87 28.13 7.30
N ASN B 7 20.44 28.94 8.26
CA ASN B 7 20.70 28.70 9.70
C ASN B 7 19.67 27.75 10.33
N ASN B 8 18.58 27.46 9.63
CA ASN B 8 17.44 26.74 10.22
C ASN B 8 17.51 25.24 10.02
N TRP B 9 17.15 24.50 11.06
CA TRP B 9 17.08 23.06 11.04
C TRP B 9 15.76 22.57 11.51
N MSE B 10 15.40 21.37 11.10
CA MSE B 10 14.29 20.66 11.73
C MSE B 10 14.84 19.78 12.85
O MSE B 10 15.59 18.83 12.63
CB MSE B 10 13.50 19.79 10.74
CG MSE B 10 13.24 20.47 9.48
SE MSE B 10 12.02 19.35 8.42
CE MSE B 10 10.37 19.86 9.25
N GLU B 11 14.35 20.01 14.07
CA GLU B 11 14.60 19.03 15.13
C GLU B 11 13.70 17.82 14.86
N ILE B 12 14.04 16.68 15.45
CA ILE B 12 13.36 15.43 15.15
C ILE B 12 11.84 15.50 15.42
N ASP B 13 11.45 16.20 16.51
CA ASP B 13 10.01 16.45 16.76
C ASP B 13 9.36 17.39 15.76
N ASP B 14 10.11 18.36 15.23
CA ASP B 14 9.62 19.28 14.18
C ASP B 14 9.40 18.48 12.90
N LEU B 15 10.33 17.55 12.59
CA LEU B 15 10.20 16.74 11.38
C LEU B 15 8.92 15.91 11.48
N ALA B 16 8.67 15.31 12.65
CA ALA B 16 7.43 14.55 12.86
C ALA B 16 6.23 15.46 12.59
N LYS B 17 6.27 16.72 13.03
CA LYS B 17 5.16 17.70 12.71
C LYS B 17 4.99 18.09 11.24
N GLY B 18 6.08 18.05 10.49
CA GLY B 18 6.06 18.34 9.06
C GLY B 18 5.53 17.21 8.19
N LEU B 19 5.29 16.04 8.79
CA LEU B 19 4.87 14.86 8.05
C LEU B 19 3.45 14.47 8.40
N PRO B 20 2.60 14.19 7.39
CA PRO B 20 1.28 13.66 7.69
C PRO B 20 1.34 12.25 8.27
N ASP B 21 0.35 11.89 9.12
CA ASP B 21 0.30 10.53 9.63
C ASP B 21 -0.21 9.57 8.55
N ASP B 22 0.42 8.39 8.49
CA ASP B 22 -0.12 7.23 7.78
C ASP B 22 -0.46 7.50 6.33
N LEU B 23 0.41 8.23 5.65
CA LEU B 23 0.30 8.49 4.22
C LEU B 23 1.38 7.73 3.47
N PHE B 24 2.64 7.96 3.82
CA PHE B 24 3.76 7.35 3.10
C PHE B 24 3.98 5.88 3.43
N ASP B 25 4.20 5.07 2.41
CA ASP B 25 4.62 3.68 2.62
C ASP B 25 6.02 3.68 3.18
N PHE B 26 6.89 4.54 2.64
CA PHE B 26 8.26 4.59 3.11
C PHE B 26 8.82 6.01 3.10
N ILE B 27 9.82 6.18 3.95
CA ILE B 27 10.68 7.37 3.95
C ILE B 27 12.09 6.85 3.76
N LEU B 28 12.78 7.39 2.77
CA LEU B 28 14.18 7.09 2.50
C LEU B 28 14.95 8.35 2.87
N PHE B 29 15.84 8.23 3.84
CA PHE B 29 16.68 9.35 4.23
C PHE B 29 17.98 9.26 3.50
N ASP B 30 18.20 10.22 2.58
CA ASP B 30 19.52 10.43 1.92
C ASP B 30 20.13 11.54 2.78
N ALA B 31 20.70 11.11 3.91
CA ALA B 31 21.14 12.03 4.94
C ALA B 31 21.93 11.22 5.95
N CYS B 32 22.91 11.81 6.60
CA CYS B 32 23.68 11.09 7.61
C CYS B 32 22.86 10.85 8.88
N TYR B 33 23.17 9.73 9.55
CA TYR B 33 22.77 9.46 10.90
C TYR B 33 21.30 9.20 11.20
N MSE B 34 20.43 9.11 10.18
CA MSE B 34 19.02 9.00 10.46
C MSE B 34 18.50 7.63 10.90
O MSE B 34 17.38 7.57 11.44
CB MSE B 34 18.21 9.56 9.29
CG MSE B 34 18.62 11.01 8.95
SE MSE B 34 18.58 12.30 10.45
CE MSE B 34 16.87 11.80 11.13
N ALA B 35 19.28 6.55 10.75
CA ALA B 35 18.90 5.23 11.20
C ALA B 35 19.29 5.15 12.69
N SER B 36 18.48 5.86 13.46
CA SER B 36 18.61 6.04 14.88
C SER B 36 17.30 5.49 15.46
N VAL B 37 17.38 4.66 16.50
CA VAL B 37 16.18 4.07 17.07
C VAL B 37 15.22 5.16 17.52
N GLU B 38 15.76 6.23 18.08
CA GLU B 38 14.93 7.35 18.53
C GLU B 38 14.17 8.01 17.36
N CYS B 39 14.86 8.21 16.25
CA CYS B 39 14.27 8.87 15.08
C CYS B 39 13.19 7.99 14.46
N THR B 40 13.47 6.70 14.32
CA THR B 40 12.50 5.76 13.76
C THR B 40 11.27 5.71 14.68
N TYR B 41 11.48 5.73 15.99
CA TYR B 41 10.35 5.74 16.93
C TYR B 41 9.51 7.02 16.79
N GLU B 42 10.19 8.18 16.74
CA GLU B 42 9.52 9.49 16.56
C GLU B 42 8.65 9.51 15.30
N LEU B 43 9.13 8.86 14.24
CA LEU B 43 8.46 8.83 12.92
C LEU B 43 7.65 7.54 12.68
N ARG B 44 7.34 6.79 13.73
CA ARG B 44 6.73 5.46 13.56
C ARG B 44 5.36 5.46 12.89
N ASN B 45 4.60 6.55 13.06
CA ASN B 45 3.29 6.74 12.40
C ASN B 45 3.35 7.49 11.08
N LYS B 46 4.56 7.82 10.59
CA LYS B 46 4.74 8.57 9.34
C LYS B 46 5.07 7.71 8.13
N ALA B 47 5.37 6.44 8.34
CA ALA B 47 5.66 5.50 7.25
C ALA B 47 5.58 4.10 7.77
N GLU B 48 5.42 3.14 6.86
CA GLU B 48 5.51 1.72 7.20
C GLU B 48 6.95 1.21 7.28
N TYR B 49 7.84 1.88 6.53
CA TYR B 49 9.24 1.53 6.42
C TYR B 49 10.10 2.77 6.40
N ILE B 50 11.22 2.71 7.10
CA ILE B 50 12.25 3.76 7.08
C ILE B 50 13.56 3.15 6.59
N LEU B 51 14.07 3.67 5.48
CA LEU B 51 15.30 3.19 4.86
C LEU B 51 16.32 4.30 5.10
N ALA B 52 17.43 4.00 5.78
CA ALA B 52 18.32 5.06 6.21
C ALA B 52 19.69 4.51 6.58
N SER B 53 20.63 5.43 6.85
CA SER B 53 21.97 5.05 7.26
C SER B 53 22.18 5.40 8.71
N PRO B 54 22.72 4.47 9.51
CA PRO B 54 23.05 4.85 10.89
C PRO B 54 24.29 5.72 11.01
N THR B 55 25.15 5.77 9.99
CA THR B 55 26.40 6.55 10.02
C THR B 55 26.34 7.63 8.95
N GLU B 56 27.48 8.13 8.51
CA GLU B 56 27.51 9.15 7.48
C GLU B 56 27.54 8.51 6.12
N THR B 57 26.99 9.23 5.15
CA THR B 57 26.93 8.78 3.77
C THR B 57 27.78 9.74 2.99
N MSE B 58 28.48 9.22 1.96
CA MSE B 58 29.34 10.06 1.10
CA MSE B 58 29.35 10.08 1.12
C MSE B 58 28.48 11.12 0.41
O MSE B 58 27.29 10.90 0.18
CB MSE B 58 30.09 9.21 0.06
CB MSE B 58 30.18 9.26 0.10
CG MSE B 58 30.95 8.11 0.67
CG MSE B 58 31.11 8.12 0.64
SE MSE B 58 31.90 8.74 2.25
SE MSE B 58 32.52 8.57 1.96
CE MSE B 58 33.35 9.73 1.34
CE MSE B 58 31.28 8.99 3.42
N ALA B 59 29.07 12.26 0.06
CA ALA B 59 28.35 13.39 -0.57
C ALA B 59 27.56 13.05 -1.85
N ASP B 60 28.07 12.08 -2.62
CA ASP B 60 27.41 11.62 -3.85
C ASP B 60 26.01 11.01 -3.61
N GLY B 61 25.77 10.59 -2.37
CA GLY B 61 24.46 10.18 -1.90
C GLY B 61 24.05 8.84 -2.48
N TRP B 62 22.74 8.63 -2.55
CA TRP B 62 22.23 7.35 -3.00
C TRP B 62 22.27 7.24 -4.51
N PRO B 63 22.43 6.01 -5.07
CA PRO B 63 22.54 5.78 -6.53
C PRO B 63 21.18 5.77 -7.23
N TYR B 64 20.64 6.98 -7.42
CA TYR B 64 19.29 7.18 -7.96
C TYR B 64 19.08 6.52 -9.30
N GLU B 65 20.08 6.57 -10.20
CA GLU B 65 19.92 5.96 -11.51
C GLU B 65 19.57 4.48 -11.44
N GLU B 66 20.34 3.76 -10.61
CA GLU B 66 20.16 2.31 -10.46
C GLU B 66 18.95 1.97 -9.63
N MSE B 67 18.64 2.81 -8.63
CA MSE B 67 17.50 2.55 -7.72
C MSE B 67 16.17 2.80 -8.37
O MSE B 67 15.18 2.23 -7.91
CB MSE B 67 17.55 3.44 -6.51
CG MSE B 67 18.59 3.08 -5.57
SE MSE B 67 18.79 4.64 -4.45
CE MSE B 67 17.00 5.01 -3.85
N MSE B 68 16.13 3.64 -9.40
CA MSE B 68 14.86 4.12 -9.93
C MSE B 68 13.86 3.02 -10.29
O MSE B 68 12.72 3.07 -9.81
CB MSE B 68 15.07 5.08 -11.10
CG MSE B 68 13.89 5.96 -11.34
SE MSE B 68 13.55 7.12 -9.84
CE MSE B 68 15.25 8.09 -9.64
N PRO B 69 14.25 2.02 -11.10
CA PRO B 69 13.23 1.00 -11.39
C PRO B 69 12.79 0.19 -10.16
N GLN B 70 13.67 0.06 -9.17
CA GLN B 70 13.32 -0.66 -7.93
C GLN B 70 12.31 0.14 -7.11
N LEU B 71 12.52 1.45 -7.01
CA LEU B 71 11.62 2.34 -6.25
C LEU B 71 10.21 2.38 -6.83
N PHE B 72 10.07 2.24 -8.14
CA PHE B 72 8.79 2.32 -8.86
C PHE B 72 8.24 0.95 -9.29
N ALA B 73 8.90 -0.12 -8.86
CA ALA B 73 8.48 -1.48 -9.24
C ALA B 73 7.10 -1.76 -8.66
N THR B 74 6.29 -2.53 -9.41
CA THR B 74 4.99 -2.98 -8.91
C THR B 74 5.16 -3.71 -7.58
N ASP B 75 6.16 -4.58 -7.49
CA ASP B 75 6.46 -5.32 -6.24
C ASP B 75 7.63 -4.67 -5.53
N LEU B 76 7.35 -3.52 -4.91
CA LEU B 76 8.36 -2.75 -4.21
C LEU B 76 9.00 -3.54 -3.07
N GLN B 77 10.31 -3.70 -3.15
CA GLN B 77 11.09 -4.39 -2.13
C GLN B 77 12.22 -3.46 -1.71
N LEU B 78 12.01 -2.76 -0.59
CA LEU B 78 12.96 -1.76 -0.13
C LEU B 78 14.29 -2.37 0.29
N GLU B 79 14.30 -3.66 0.64
CA GLU B 79 15.57 -4.33 0.89
C GLU B 79 16.46 -4.35 -0.37
N LYS B 80 15.85 -4.45 -1.54
CA LYS B 80 16.57 -4.40 -2.83
C LYS B 80 17.19 -3.04 -3.05
N VAL B 81 16.43 -1.98 -2.72
CA VAL B 81 16.90 -0.61 -2.87
C VAL B 81 18.08 -0.36 -1.93
N GLY B 82 17.95 -0.82 -0.69
CA GLY B 82 19.03 -0.75 0.29
C GLY B 82 20.26 -1.50 -0.23
N GLU B 83 20.05 -2.68 -0.81
CA GLU B 83 21.17 -3.50 -1.34
C GLU B 83 21.86 -2.79 -2.53
N THR B 84 21.06 -2.12 -3.37
CA THR B 84 21.63 -1.33 -4.48
C THR B 84 22.54 -0.23 -3.97
N PHE B 85 22.12 0.47 -2.93
CA PHE B 85 22.96 1.48 -2.25
C PHE B 85 24.27 0.89 -1.72
N TYR B 86 24.14 -0.16 -0.93
CA TYR B 86 25.30 -0.87 -0.35
C TYR B 86 26.28 -1.39 -1.41
N ASN B 87 25.74 -2.08 -2.42
CA ASN B 87 26.55 -2.66 -3.50
CA ASN B 87 26.52 -2.63 -3.50
C ASN B 87 27.23 -1.53 -4.30
N HIS B 88 26.56 -0.37 -4.44
CA HIS B 88 27.19 0.76 -5.11
C HIS B 88 28.43 1.21 -4.39
N TYR B 89 28.31 1.41 -3.08
CA TYR B 89 29.46 1.87 -2.27
C TYR B 89 30.53 0.84 -2.07
N LEU B 90 30.13 -0.40 -1.90
CA LEU B 90 31.11 -1.49 -1.85
C LEU B 90 32.08 -1.46 -3.04
N ASN B 91 31.60 -1.06 -4.22
CA ASN B 91 32.38 -0.99 -5.45
C ASN B 91 32.87 0.42 -5.85
N ASN B 92 32.77 1.37 -4.93
CA ASN B 92 33.13 2.78 -5.16
C ASN B 92 34.58 3.07 -4.70
N THR B 93 35.17 4.14 -5.24
CA THR B 93 36.47 4.65 -4.78
C THR B 93 36.54 4.89 -3.26
N TYR B 94 35.43 5.30 -2.66
CA TYR B 94 35.30 5.52 -1.21
C TYR B 94 34.26 4.49 -0.73
N PRO B 95 34.71 3.27 -0.40
CA PRO B 95 33.75 2.20 -0.11
C PRO B 95 33.19 2.21 1.31
N TYR B 96 32.43 3.26 1.63
CA TYR B 96 32.05 3.56 3.02
C TYR B 96 30.56 3.82 3.07
N ALA B 97 29.79 2.87 3.58
CA ALA B 97 28.34 2.97 3.58
C ALA B 97 27.71 2.03 4.59
N THR B 98 26.65 2.51 5.25
CA THR B 98 25.85 1.68 6.15
C THR B 98 24.41 1.91 5.80
N VAL B 99 23.60 0.87 5.92
CA VAL B 99 22.19 0.97 5.61
C VAL B 99 21.37 0.06 6.48
N SER B 100 20.14 0.44 6.75
CA SER B 100 19.17 -0.41 7.41
C SER B 100 17.76 -0.06 6.99
N LEU B 101 16.88 -1.04 7.11
CA LEU B 101 15.46 -0.90 6.79
C LEU B 101 14.70 -1.26 8.05
N THR B 102 13.92 -0.32 8.58
CA THR B 102 13.12 -0.47 9.78
C THR B 102 11.64 -0.57 9.46
N LYS B 103 10.98 -1.60 9.99
CA LYS B 103 9.54 -1.83 9.80
C LYS B 103 8.85 -1.23 11.02
N THR B 104 8.17 -0.12 10.81
CA THR B 104 7.66 0.68 11.92
C THR B 104 6.56 0.01 12.75
N SER B 105 5.79 -0.88 12.13
CA SER B 105 4.73 -1.64 12.86
C SER B 105 5.30 -2.46 14.02
N GLU B 106 6.58 -2.77 13.97
CA GLU B 106 7.26 -3.57 15.00
C GLU B 106 7.93 -2.73 16.07
N LEU B 107 7.88 -1.40 15.94
CA LEU B 107 8.57 -0.53 16.90
C LEU B 107 7.90 -0.49 18.27
N ASP B 108 6.59 -0.60 18.34
CA ASP B 108 5.93 -0.60 19.66
C ASP B 108 6.37 -1.83 20.50
N ASN B 109 6.44 -2.99 19.86
CA ASN B 109 6.96 -4.19 20.54
C ASN B 109 8.42 -4.05 20.96
N LEU B 110 9.23 -3.46 20.13
CA LEU B 110 10.64 -3.20 20.44
C LEU B 110 10.72 -2.22 21.62
N LYS B 111 9.89 -1.18 21.60
CA LYS B 111 9.84 -0.21 22.71
C LYS B 111 9.56 -0.89 24.04
N SER B 112 8.59 -1.82 24.04
CA SER B 112 8.27 -2.56 25.24
C SER B 112 9.46 -3.40 25.74
N ALA B 113 10.13 -4.08 24.83
CA ALA B 113 11.33 -4.86 25.18
C ALA B 113 12.43 -3.99 25.77
N ILE B 114 12.58 -2.78 25.25
CA ILE B 114 13.60 -1.84 25.75
C ILE B 114 13.16 -1.20 27.07
N HIS B 115 11.89 -0.82 27.18
CA HIS B 115 11.33 -0.28 28.42
C HIS B 115 11.58 -1.21 29.58
N ASP B 116 11.35 -2.51 29.35
CA ASP B 116 11.46 -3.51 30.39
C ASP B 116 12.90 -3.67 30.89
N ILE B 117 13.88 -3.22 30.10
CA ILE B 117 15.29 -3.19 30.45
C ILE B 117 15.67 -1.86 31.09
N LEU B 118 15.28 -0.74 30.47
CA LEU B 118 15.86 0.57 30.86
C LEU B 118 15.06 1.33 31.92
N ALA B 119 13.77 1.03 32.07
CA ALA B 119 12.92 1.86 32.94
C ALA B 119 13.35 1.86 34.40
N ASP B 120 13.96 0.75 34.85
CA ASP B 120 14.48 0.67 36.23
C ASP B 120 15.97 1.00 36.38
N LYS B 121 16.64 1.46 35.31
CA LYS B 121 18.05 1.76 35.34
C LYS B 121 18.28 3.20 35.83
N THR B 122 19.32 3.38 36.63
CA THR B 122 19.63 4.66 37.22
C THR B 122 20.77 5.30 36.43
N GLU B 123 21.06 6.58 36.73
CA GLU B 123 22.24 7.22 36.19
C GLU B 123 23.50 6.43 36.53
N SER B 124 23.60 5.93 37.76
CA SER B 124 24.75 5.12 38.18
C SER B 124 24.92 3.90 37.27
N ASP B 125 23.81 3.23 36.96
CA ASP B 125 23.90 2.03 36.12
C ASP B 125 24.39 2.34 34.72
N ILE B 126 23.88 3.44 34.16
CA ILE B 126 24.20 3.82 32.81
C ILE B 126 25.58 4.43 32.71
N TYR B 127 25.93 5.30 33.65
CA TYR B 127 27.27 5.91 33.66
C TYR B 127 28.41 4.96 34.05
N SER B 128 28.07 3.77 34.55
CA SER B 128 29.05 2.72 34.82
C SER B 128 29.57 2.07 33.54
N LEU B 129 28.85 2.22 32.43
CA LEU B 129 29.27 1.61 31.17
C LEU B 129 30.52 2.30 30.66
N ASP B 130 31.38 1.52 30.02
CA ASP B 130 32.63 2.04 29.44
C ASP B 130 32.36 2.08 27.95
N PRO B 131 32.27 3.30 27.36
CA PRO B 131 32.05 3.46 25.92
C PRO B 131 33.00 2.68 25.02
N LYS B 132 34.21 2.42 25.50
CA LYS B 132 35.21 1.64 24.78
C LYS B 132 34.77 0.19 24.51
N ASN B 133 33.82 -0.35 25.28
CA ASN B 133 33.24 -1.68 25.06
C ASN B 133 32.09 -1.75 24.03
N MSE B 134 31.72 -0.62 23.43
CA MSE B 134 30.60 -0.56 22.47
C MSE B 134 31.09 0.06 21.18
O MSE B 134 32.08 0.79 21.19
CB MSE B 134 29.47 0.28 23.03
CG MSE B 134 28.91 -0.25 24.37
SE MSE B 134 27.65 1.03 25.12
CE MSE B 134 28.84 2.31 25.88
N GLN B 135 30.42 -0.29 20.08
CA GLN B 135 30.77 0.26 18.78
C GLN B 135 30.27 1.69 18.66
N ARG B 136 31.21 2.64 18.55
CA ARG B 136 30.83 4.04 18.31
C ARG B 136 30.47 4.17 16.84
N LEU B 137 29.42 4.93 16.54
CA LEU B 137 28.93 5.10 15.18
C LEU B 137 28.74 6.54 14.76
N GLU B 138 29.35 7.45 15.50
CA GLU B 138 29.22 8.89 15.24
C GLU B 138 30.44 9.63 15.70
N TYR B 139 30.94 10.49 14.82
CA TYR B 139 32.11 11.30 15.08
C TYR B 139 31.88 12.72 14.55
N LEU B 140 30.88 13.38 15.11
CA LEU B 140 30.62 14.77 14.80
C LEU B 140 31.68 15.66 15.40
N TYR B 141 31.85 16.86 14.84
CA TYR B 141 32.90 17.76 15.29
C TYR B 141 32.73 18.07 16.79
N ARG B 142 33.82 17.92 17.54
CA ARG B 142 33.87 18.16 19.01
CA ARG B 142 33.90 18.11 19.00
C ARG B 142 33.11 17.11 19.84
N SER B 143 32.50 16.11 19.22
CA SER B 143 31.72 15.14 19.95
C SER B 143 32.65 14.19 20.70
N PRO B 144 32.33 13.90 21.97
CA PRO B 144 33.04 12.84 22.69
C PRO B 144 32.53 11.43 22.34
N GLY B 145 31.48 11.30 21.51
CA GLY B 145 30.89 10.01 21.14
C GLY B 145 29.58 9.88 21.89
N MSE B 146 28.49 10.09 21.16
CA MSE B 146 27.15 10.04 21.73
C MSE B 146 26.33 8.93 21.19
O MSE B 146 25.50 8.41 21.92
CB MSE B 146 26.48 11.38 21.46
CG MSE B 146 27.27 12.45 22.11
SE MSE B 146 26.58 14.17 21.80
CE MSE B 146 27.16 14.54 19.93
N LEU B 147 26.50 8.57 19.90
CA LEU B 147 25.67 7.57 19.26
C LEU B 147 26.48 6.29 19.07
N TYR B 148 25.94 5.22 19.60
CA TYR B 148 26.58 3.90 19.60
C TYR B 148 25.63 2.90 19.01
N ASP B 149 26.19 1.76 18.63
CA ASP B 149 25.37 0.65 18.18
C ASP B 149 24.31 0.27 19.23
N PHE B 150 23.05 0.22 18.79
CA PHE B 150 21.88 -0.01 19.70
C PHE B 150 22.02 -1.37 20.43
N ASN B 151 22.32 -2.41 19.67
CA ASN B 151 22.53 -3.75 20.24
C ASN B 151 23.64 -3.74 21.28
N ASP B 152 24.76 -3.07 20.98
CA ASP B 152 25.88 -3.07 21.92
C ASP B 152 25.52 -2.47 23.29
N TYR B 153 24.79 -1.36 23.27
CA TYR B 153 24.34 -0.69 24.50
C TYR B 153 23.42 -1.57 25.30
N ILE B 154 22.40 -2.11 24.63
CA ILE B 154 21.40 -2.93 25.32
C ILE B 154 22.03 -4.20 25.88
N LYS B 155 22.96 -4.80 25.14
CA LYS B 155 23.65 -6.00 25.59
CA LYS B 155 23.64 -6.01 25.60
C LYS B 155 24.38 -5.76 26.91
N GLN B 156 24.89 -4.55 27.12
CA GLN B 156 25.58 -4.21 28.36
C GLN B 156 24.65 -4.10 29.56
N LEU B 157 23.36 -3.83 29.34
CA LEU B 157 22.40 -3.59 30.44
C LEU B 157 21.42 -4.71 30.68
N ALA B 158 21.13 -5.51 29.66
CA ALA B 158 20.08 -6.52 29.73
C ALA B 158 20.53 -7.78 30.44
N THR B 159 19.63 -8.42 31.17
CA THR B 159 19.84 -9.80 31.62
C THR B 159 19.80 -10.70 30.37
N ALA B 160 20.24 -11.94 30.49
CA ALA B 160 20.20 -12.88 29.34
C ALA B 160 18.81 -13.03 28.77
N GLU B 161 17.82 -13.18 29.65
CA GLU B 161 16.42 -13.32 29.19
C GLU B 161 15.89 -12.08 28.48
N GLN B 162 16.18 -10.93 29.07
CA GLN B 162 15.83 -9.67 28.48
C GLN B 162 16.47 -9.46 27.12
N TYR B 163 17.72 -9.88 27.01
CA TYR B 163 18.48 -9.75 25.79
C TYR B 163 17.92 -10.62 24.67
N ASP B 164 17.59 -11.87 24.98
CA ASP B 164 16.92 -12.76 24.02
C ASP B 164 15.61 -12.16 23.47
N ARG B 165 14.78 -11.64 24.37
CA ARG B 165 13.57 -10.94 23.96
C ARG B 165 13.86 -9.76 23.07
N PHE B 166 14.83 -8.95 23.47
CA PHE B 166 15.26 -7.80 22.66
C PHE B 166 15.66 -8.24 21.25
N ILE B 167 16.47 -9.27 21.13
CA ILE B 167 16.96 -9.72 19.81
C ILE B 167 15.80 -10.20 18.92
N SER B 168 14.83 -10.89 19.50
CA SER B 168 13.63 -11.33 18.76
CA SER B 168 13.65 -11.34 18.76
C SER B 168 12.88 -10.11 18.23
N CYS B 169 12.68 -9.11 19.10
CA CYS B 169 11.98 -7.87 18.68
C CYS B 169 12.79 -7.04 17.67
N LEU B 170 14.10 -6.95 17.90
CA LEU B 170 15.00 -6.22 17.01
C LEU B 170 14.97 -6.79 15.59
N ASP B 171 14.97 -8.12 15.48
CA ASP B 171 14.97 -8.78 14.17
C ASP B 171 13.66 -8.60 13.43
N LYS B 172 12.57 -8.40 14.15
CA LYS B 172 11.28 -8.10 13.51
C LYS B 172 11.24 -6.66 13.01
N ALA B 173 11.94 -5.73 13.69
CA ALA B 173 11.95 -4.32 13.37
C ALA B 173 12.98 -3.98 12.29
N VAL B 174 14.21 -4.45 12.47
CA VAL B 174 15.28 -4.19 11.49
C VAL B 174 15.32 -5.41 10.54
N VAL B 175 14.59 -5.30 9.44
CA VAL B 175 14.39 -6.39 8.51
C VAL B 175 15.50 -6.57 7.45
N TYR B 176 16.34 -5.55 7.31
CA TYR B 176 17.47 -5.58 6.41
C TYR B 176 18.53 -4.62 6.92
N LYS B 177 19.78 -5.04 6.85
CA LYS B 177 20.90 -4.16 7.18
C LYS B 177 22.16 -4.62 6.47
N ALA B 178 23.07 -3.67 6.20
CA ALA B 178 24.36 -3.98 5.60
C ALA B 178 25.32 -2.87 5.93
N HIS B 179 26.61 -3.24 5.97
CA HIS B 179 27.65 -2.26 6.20
C HIS B 179 28.90 -2.63 5.47
N THR B 180 29.62 -1.61 4.98
CA THR B 180 30.93 -1.81 4.45
C THR B 180 31.89 -2.03 5.66
N PRO B 181 33.10 -2.55 5.41
CA PRO B 181 34.03 -2.79 6.53
C PRO B 181 34.34 -1.56 7.41
N LYS B 182 34.40 -0.40 6.76
CA LYS B 182 34.61 0.87 7.47
CA LYS B 182 34.63 0.88 7.46
C LYS B 182 33.58 1.89 7.10
N SER B 183 33.43 2.89 7.96
CA SER B 183 32.52 3.99 7.74
C SER B 183 33.37 5.25 7.82
N TYR B 184 33.06 6.25 6.98
CA TYR B 184 33.87 7.45 6.87
C TYR B 184 33.19 8.59 7.62
N TYR B 185 33.97 9.35 8.38
CA TYR B 185 33.47 10.45 9.19
C TYR B 185 34.18 11.75 8.79
N ALA B 186 33.37 12.69 8.30
CA ALA B 186 33.87 13.96 7.76
C ALA B 186 34.72 14.75 8.73
N ALA B 187 34.29 14.79 9.98
CA ALA B 187 34.99 15.66 10.97
C ALA B 187 36.39 15.19 11.30
N ILE B 188 36.63 13.88 11.20
CA ILE B 188 37.97 13.30 11.44
C ILE B 188 38.72 12.98 10.16
N GLY B 189 38.06 13.09 9.01
CA GLY B 189 38.73 12.93 7.71
C GLY B 189 39.24 11.53 7.50
N ASN B 190 38.58 10.56 8.11
CA ASN B 190 39.05 9.19 8.12
C ASN B 190 37.90 8.19 8.26
N ALA B 191 38.15 6.98 7.78
CA ALA B 191 37.23 5.88 7.91
C ALA B 191 37.70 4.91 9.00
N LEU B 192 36.76 4.42 9.79
CA LEU B 192 37.03 3.60 10.96
C LEU B 192 36.24 2.28 10.88
N PRO B 193 36.82 1.18 11.40
CA PRO B 193 36.11 -0.12 11.29
C PRO B 193 34.83 -0.24 12.04
N ILE B 194 33.90 -1.02 11.48
CA ILE B 194 32.66 -1.37 12.12
C ILE B 194 32.82 -2.83 12.51
N LYS B 195 32.95 -3.09 13.80
CA LYS B 195 33.13 -4.43 14.39
C LYS B 195 31.81 -5.08 14.85
N SER B 196 30.81 -4.28 15.18
CA SER B 196 29.49 -4.75 15.65
C SER B 196 28.46 -3.85 15.00
N TYR B 197 27.41 -4.44 14.44
CA TYR B 197 26.46 -3.65 13.65
C TYR B 197 25.07 -4.26 13.65
N CYS B 198 24.10 -3.53 14.21
CA CYS B 198 22.68 -3.94 14.16
C CYS B 198 21.82 -3.11 13.21
N GLY B 199 22.35 -2.02 12.66
CA GLY B 199 21.58 -1.18 11.75
C GLY B 199 21.03 0.11 12.33
N LEU B 200 20.98 0.20 13.66
CA LEU B 200 20.46 1.39 14.35
C LEU B 200 21.41 1.87 15.39
N THR B 201 21.44 3.18 15.58
CA THR B 201 22.15 3.77 16.71
C THR B 201 21.17 4.11 17.85
N ILE B 202 21.77 4.32 19.02
CA ILE B 202 21.10 4.84 20.21
C ILE B 202 22.02 5.81 20.92
N PHE B 203 21.41 6.80 21.58
CA PHE B 203 22.15 7.67 22.49
C PHE B 203 22.60 6.85 23.70
N VAL B 204 23.87 6.99 24.06
CA VAL B 204 24.40 6.45 25.31
C VAL B 204 24.62 7.65 26.23
N PRO B 205 23.71 7.85 27.21
CA PRO B 205 23.93 8.91 28.17
C PRO B 205 25.25 8.75 28.90
N GLN B 206 25.97 9.83 29.08
CA GLN B 206 27.25 9.81 29.76
C GLN B 206 27.37 10.91 30.77
N GLU B 207 28.17 10.67 31.79
CA GLU B 207 28.23 11.61 32.89
C GLU B 207 28.77 12.99 32.47
N SER B 208 29.58 13.06 31.40
CA SER B 208 30.10 14.34 30.89
C SER B 208 29.09 15.13 30.05
N LEU B 209 27.91 14.58 29.76
CA LEU B 209 26.92 15.21 28.87
C LEU B 209 25.54 15.49 29.51
N PRO B 210 25.52 16.12 30.71
CA PRO B 210 24.21 16.33 31.35
C PRO B 210 23.24 17.21 30.56
N LYS B 211 23.74 18.24 29.87
CA LYS B 211 22.85 19.08 29.05
C LYS B 211 22.24 18.30 27.89
N MSE B 212 22.99 17.38 27.30
CA MSE B 212 22.49 16.58 26.18
C MSE B 212 21.37 15.67 26.68
O MSE B 212 20.32 15.52 26.02
CB MSE B 212 23.62 15.77 25.52
CG MSE B 212 23.29 15.31 24.12
SE MSE B 212 23.33 16.85 22.90
CE MSE B 212 25.22 17.32 23.02
N LEU B 213 21.56 15.07 27.86
CA LEU B 213 20.54 14.21 28.45
C LEU B 213 19.26 15.02 28.75
N GLU B 214 19.41 16.22 29.30
CA GLU B 214 18.23 17.06 29.63
C GLU B 214 17.41 17.36 28.38
N TRP B 215 18.09 17.69 27.28
CA TRP B 215 17.41 17.94 26.02
C TRP B 215 16.74 16.71 25.49
N TYR B 216 17.45 15.57 25.52
CA TYR B 216 16.88 14.28 25.10
C TYR B 216 15.61 13.91 25.88
N LYS B 217 15.65 14.11 27.20
CA LYS B 217 14.45 13.88 28.04
C LYS B 217 13.24 14.71 27.62
N GLN B 218 13.48 15.97 27.32
CA GLN B 218 12.40 16.91 27.00
C GLN B 218 11.85 16.77 25.59
N ARG B 219 12.72 16.42 24.63
CA ARG B 219 12.41 16.54 23.22
C ARG B 219 12.39 15.29 22.38
N VAL B 220 12.87 14.16 22.89
CA VAL B 220 12.96 12.93 22.14
C VAL B 220 12.00 11.97 22.83
N GLY B 221 10.91 11.62 22.12
CA GLY B 221 9.84 10.75 22.64
C GLY B 221 10.32 9.43 23.23
N TRP B 222 11.36 8.85 22.61
CA TRP B 222 11.94 7.57 23.06
C TRP B 222 12.31 7.61 24.52
N TYR B 223 12.81 8.74 25.02
CA TYR B 223 13.25 8.81 26.41
C TYR B 223 12.11 8.44 27.39
N LYS B 224 11.00 9.17 27.33
CA LYS B 224 9.87 8.89 28.21
C LYS B 224 9.30 7.48 27.93
N ALA B 225 9.37 7.04 26.68
CA ALA B 225 8.81 5.74 26.30
C ALA B 225 9.56 4.59 26.95
N VAL B 226 10.88 4.68 27.09
CA VAL B 226 11.66 3.53 27.58
C VAL B 226 12.36 3.71 28.93
N TYR B 227 12.63 4.94 29.35
CA TYR B 227 13.32 5.20 30.63
C TYR B 227 12.40 5.53 31.78
N GLU B 228 11.11 5.77 31.49
CA GLU B 228 10.12 6.11 32.51
C GLU B 228 8.98 5.13 32.45
N ARG C 7 -35.61 -17.65 -30.57
CA ARG C 7 -34.21 -17.23 -30.23
C ARG C 7 -34.23 -16.22 -29.08
N THR C 8 -33.71 -16.63 -27.91
CA THR C 8 -33.64 -15.76 -26.72
C THR C 8 -32.37 -14.90 -26.74
N THR C 9 -32.45 -13.71 -26.14
CA THR C 9 -31.41 -12.70 -26.19
C THR C 9 -31.00 -12.27 -24.79
N ARG C 10 -29.80 -11.74 -24.68
CA ARG C 10 -29.24 -11.30 -23.42
C ARG C 10 -28.67 -9.91 -23.58
N THR C 11 -28.89 -9.02 -22.61
CA THR C 11 -28.18 -7.72 -22.56
C THR C 11 -27.20 -7.79 -21.44
N ILE C 12 -25.92 -7.51 -21.72
CA ILE C 12 -24.88 -7.43 -20.69
C ILE C 12 -24.36 -6.00 -20.65
N LEU C 13 -24.39 -5.43 -19.44
CA LEU C 13 -23.84 -4.10 -19.18
C LEU C 13 -22.52 -4.27 -18.44
N VAL C 14 -21.47 -3.62 -18.92
CA VAL C 14 -20.18 -3.57 -18.22
C VAL C 14 -20.06 -2.16 -17.66
N TYR C 15 -20.01 -2.03 -16.34
CA TYR C 15 -20.01 -0.73 -15.66
C TYR C 15 -18.57 -0.54 -15.14
N MSE C 16 -17.83 0.35 -15.80
CA MSE C 16 -16.37 0.53 -15.58
C MSE C 16 -16.05 1.83 -14.88
O MSE C 16 -16.13 2.90 -15.48
CB MSE C 16 -15.63 0.49 -16.93
CG MSE C 16 -15.90 -0.79 -17.69
SE MSE C 16 -14.94 -0.86 -19.36
CE MSE C 16 -13.19 -1.36 -18.67
N MSE C 17 -15.68 1.73 -13.60
CA MSE C 17 -15.21 2.88 -12.82
C MSE C 17 -13.70 2.83 -12.90
O MSE C 17 -13.07 2.02 -12.23
CB MSE C 17 -15.75 2.84 -11.40
CG MSE C 17 -17.18 3.35 -11.40
SE MSE C 17 -17.86 3.37 -9.61
CE MSE C 17 -18.30 1.58 -9.66
N ALA C 18 -13.17 3.63 -13.82
CA ALA C 18 -11.76 3.65 -14.15
C ALA C 18 -11.04 4.93 -13.77
N ASN C 19 -11.70 5.86 -13.04
CA ASN C 19 -11.06 7.07 -12.55
C ASN C 19 -10.28 6.76 -11.27
N ASN C 20 -9.16 6.06 -11.47
CA ASN C 20 -8.34 5.46 -10.39
C ASN C 20 -7.10 4.85 -11.05
N SER C 21 -6.27 4.09 -10.33
CA SER C 21 -5.05 3.54 -10.91
C SER C 21 -5.28 2.46 -11.99
N LEU C 22 -6.52 2.00 -12.21
CA LEU C 22 -6.80 1.12 -13.35
C LEU C 22 -7.01 1.90 -14.65
N ASN C 23 -6.94 3.24 -14.62
CA ASN C 23 -7.18 4.07 -15.81
C ASN C 23 -6.42 3.60 -17.08
N SER C 24 -5.16 3.21 -16.96
CA SER C 24 -4.35 2.81 -18.12
C SER C 24 -4.68 1.42 -18.62
N PHE C 25 -5.50 0.64 -17.90
CA PHE C 25 -5.86 -0.74 -18.26
C PHE C 25 -7.22 -0.87 -18.90
N ALA C 26 -8.09 0.13 -18.70
CA ALA C 26 -9.47 0.06 -19.14
C ALA C 26 -9.61 -0.09 -20.66
N SER C 27 -8.79 0.64 -21.42
CA SER C 27 -8.85 0.58 -22.88
CA SER C 27 -8.86 0.59 -22.88
CA SER C 27 -8.88 0.58 -22.87
C SER C 27 -8.48 -0.81 -23.39
N LYS C 28 -7.46 -1.43 -22.77
CA LYS C 28 -7.06 -2.79 -23.15
CA LYS C 28 -7.06 -2.80 -23.14
C LYS C 28 -8.16 -3.82 -22.87
N ASN C 29 -8.88 -3.64 -21.76
CA ASN C 29 -10.01 -4.53 -21.43
C ASN C 29 -11.14 -4.34 -22.45
N ILE C 30 -11.45 -3.10 -22.80
CA ILE C 30 -12.46 -2.84 -23.86
C ILE C 30 -12.01 -3.43 -25.18
N GLU C 31 -10.73 -3.35 -25.51
CA GLU C 31 -10.24 -3.93 -26.77
C GLU C 31 -10.44 -5.46 -26.78
N SER C 32 -10.24 -6.11 -25.64
CA SER C 32 -10.44 -7.55 -25.55
CA SER C 32 -10.46 -7.56 -25.51
C SER C 32 -11.92 -7.88 -25.78
N MSE C 33 -12.81 -7.04 -25.24
CA MSE C 33 -14.25 -7.21 -25.47
C MSE C 33 -14.55 -7.11 -26.98
O MSE C 33 -15.30 -7.89 -27.53
CB MSE C 33 -15.06 -6.19 -24.67
CG MSE C 33 -14.93 -6.29 -23.18
SE MSE C 33 -15.81 -4.78 -22.34
CE MSE C 33 -14.76 -4.75 -20.70
N ILE C 34 -13.95 -6.10 -27.63
CA ILE C 34 -14.13 -5.89 -29.09
C ILE C 34 -13.68 -7.11 -29.87
N GLU C 35 -12.56 -7.68 -29.47
CA GLU C 35 -12.03 -8.89 -30.12
C GLU C 35 -13.03 -10.06 -30.05
N GLY C 36 -13.75 -10.18 -28.94
CA GLY C 36 -14.69 -11.28 -28.76
C GLY C 36 -16.12 -11.02 -29.20
N ALA C 37 -16.51 -9.76 -29.36
CA ALA C 37 -17.91 -9.33 -29.61
C ALA C 37 -18.36 -9.36 -31.06
N THR C 38 -18.01 -10.43 -31.78
CA THR C 38 -18.50 -10.66 -33.12
C THR C 38 -20.02 -10.93 -33.10
N SER C 39 -20.66 -10.82 -34.26
CA SER C 39 -22.11 -11.09 -34.40
CA SER C 39 -22.11 -11.06 -34.34
C SER C 39 -22.42 -12.49 -33.92
N LYS C 40 -21.59 -13.43 -34.36
CA LYS C 40 -21.77 -14.83 -33.99
C LYS C 40 -21.66 -14.99 -32.48
N ASN C 41 -20.64 -14.39 -31.87
CA ASN C 41 -20.44 -14.55 -30.45
C ASN C 41 -21.48 -13.86 -29.56
N LEU C 42 -21.96 -12.69 -29.95
CA LEU C 42 -23.02 -12.00 -29.19
C LEU C 42 -24.37 -12.71 -29.31
N ASN C 43 -24.56 -13.54 -30.32
CA ASN C 43 -25.69 -14.47 -30.39
C ASN C 43 -27.02 -13.71 -30.25
N GLY C 44 -27.13 -12.58 -30.96
CA GLY C 44 -28.34 -11.73 -30.93
C GLY C 44 -28.51 -10.82 -29.72
N GLY C 45 -27.55 -10.83 -28.81
CA GLY C 45 -27.58 -10.06 -27.58
C GLY C 45 -26.96 -8.69 -27.78
N ASN C 46 -26.93 -7.92 -26.71
CA ASN C 46 -26.40 -6.56 -26.68
C ASN C 46 -25.28 -6.50 -25.66
N LEU C 47 -24.16 -5.87 -26.05
CA LEU C 47 -23.04 -5.60 -25.16
C LEU C 47 -22.91 -4.07 -25.02
N ILE C 48 -23.24 -3.57 -23.82
CA ILE C 48 -23.24 -2.15 -23.53
C ILE C 48 -22.18 -1.88 -22.46
N VAL C 49 -21.44 -0.79 -22.63
CA VAL C 49 -20.39 -0.40 -21.72
C VAL C 49 -20.61 1.04 -21.22
N TYR C 50 -20.63 1.20 -19.90
CA TYR C 50 -20.63 2.48 -19.23
C TYR C 50 -19.19 2.68 -18.83
N TYR C 51 -18.55 3.68 -19.40
CA TYR C 51 -17.12 3.92 -19.23
C TYR C 51 -16.89 5.24 -18.58
N ALA C 52 -16.29 5.20 -17.39
CA ALA C 52 -16.06 6.40 -16.58
C ALA C 52 -14.56 6.52 -16.35
N PRO C 53 -13.85 7.13 -17.30
CA PRO C 53 -12.38 7.25 -17.16
C PRO C 53 -11.92 8.42 -16.29
N ALA C 54 -10.60 8.56 -16.14
CA ALA C 54 -10.02 9.73 -15.53
C ALA C 54 -9.95 10.83 -16.57
N GLY C 55 -10.23 12.04 -16.14
CA GLY C 55 -10.01 13.23 -16.95
C GLY C 55 -11.06 13.68 -17.93
N SER C 56 -12.08 12.85 -18.15
CA SER C 56 -13.20 13.26 -19.00
CA SER C 56 -13.18 13.15 -19.07
C SER C 56 -14.47 12.62 -18.44
N PRO C 57 -15.65 13.19 -18.83
CA PRO C 57 -16.87 12.62 -18.27
C PRO C 57 -17.21 11.24 -18.82
N PRO C 58 -18.12 10.52 -18.15
CA PRO C 58 -18.47 9.18 -18.58
C PRO C 58 -19.18 9.13 -19.94
N GLU C 59 -19.11 7.97 -20.55
CA GLU C 59 -19.84 7.71 -21.80
C GLU C 59 -20.45 6.34 -21.81
N LEU C 60 -21.48 6.18 -22.64
CA LEU C 60 -22.13 4.92 -22.85
C LEU C 60 -21.79 4.51 -24.29
N LEU C 61 -21.35 3.26 -24.43
CA LEU C 61 -20.92 2.65 -25.68
C LEU C 61 -21.72 1.37 -25.94
N ARG C 62 -21.94 1.07 -27.20
CA ARG C 62 -22.39 -0.25 -27.61
C ARG C 62 -21.30 -0.91 -28.43
N ILE C 63 -20.99 -2.17 -28.13
CA ILE C 63 -19.98 -2.92 -28.88
C ILE C 63 -20.75 -3.87 -29.78
N LYS C 64 -20.57 -3.72 -31.08
CA LYS C 64 -21.33 -4.50 -32.07
C LYS C 64 -20.59 -4.57 -33.38
N GLU C 65 -20.73 -5.72 -34.06
CA GLU C 65 -20.12 -5.92 -35.35
C GLU C 65 -21.04 -5.37 -36.43
N GLU C 66 -20.46 -4.60 -37.34
CA GLU C 66 -21.18 -4.06 -38.49
C GLU C 66 -20.30 -4.34 -39.70
N ASN C 67 -20.77 -5.20 -40.61
CA ASN C 67 -20.08 -5.49 -41.88
C ASN C 67 -18.61 -5.89 -41.72
N GLY C 68 -18.44 -6.95 -40.94
CA GLY C 68 -17.13 -7.53 -40.69
C GLY C 68 -16.25 -6.83 -39.71
N VAL C 69 -16.70 -5.73 -39.07
CA VAL C 69 -15.84 -4.95 -38.15
C VAL C 69 -16.57 -4.74 -36.84
N VAL C 70 -15.96 -5.17 -35.72
CA VAL C 70 -16.54 -4.96 -34.40
C VAL C 70 -16.18 -3.52 -34.05
N LYS C 71 -17.19 -2.73 -33.71
CA LYS C 71 -17.02 -1.33 -33.37
C LYS C 71 -17.46 -1.04 -31.96
N LYS C 72 -16.89 0.03 -31.39
CA LYS C 72 -17.38 0.57 -30.12
C LYS C 72 -18.12 1.82 -30.52
N ILE C 73 -19.45 1.73 -30.57
CA ILE C 73 -20.34 2.79 -31.04
C ILE C 73 -20.67 3.72 -29.87
N HIS C 74 -20.53 5.01 -30.08
CA HIS C 74 -20.76 6.01 -29.04
C HIS C 74 -22.25 6.25 -28.93
N LEU C 75 -22.86 5.98 -27.78
CA LEU C 75 -24.32 6.17 -27.62
C LEU C 75 -24.57 7.55 -27.05
N LYS C 76 -23.88 7.89 -25.97
CA LYS C 76 -24.05 9.20 -25.35
C LYS C 76 -22.90 9.54 -24.42
N ASP C 77 -22.79 10.84 -24.14
CA ASP C 77 -21.89 11.36 -23.14
C ASP C 77 -22.75 11.78 -21.99
N TYR C 78 -22.25 11.54 -20.80
CA TYR C 78 -22.84 12.07 -19.57
C TYR C 78 -22.11 13.34 -19.21
N GLU C 79 -22.72 14.18 -18.39
CA GLU C 79 -22.02 15.31 -17.78
C GLU C 79 -21.26 14.72 -16.59
N LYS C 80 -20.37 15.50 -16.01
CA LYS C 80 -19.59 15.07 -14.86
C LYS C 80 -20.58 14.56 -13.78
N GLN C 81 -20.33 13.36 -13.29
CA GLN C 81 -21.20 12.71 -12.31
C GLN C 81 -20.40 11.71 -11.51
N ASN C 82 -20.92 11.41 -10.35
CA ASN C 82 -20.31 10.47 -9.43
C ASN C 82 -20.84 9.11 -9.76
N SER C 83 -19.99 8.32 -10.43
CA SER C 83 -20.38 6.95 -10.84
C SER C 83 -20.56 5.99 -9.66
N ALA C 84 -20.00 6.34 -8.50
CA ALA C 84 -20.15 5.56 -7.26
C ALA C 84 -21.39 5.96 -6.44
N ASP C 85 -22.16 6.94 -6.89
CA ASP C 85 -23.41 7.32 -6.22
C ASP C 85 -24.44 6.27 -6.68
N PRO C 86 -25.08 5.54 -5.75
CA PRO C 86 -26.06 4.49 -6.18
C PRO C 86 -27.21 5.00 -7.06
N ASP C 87 -27.60 6.26 -6.90
CA ASP C 87 -28.65 6.83 -7.77
CA ASP C 87 -28.63 6.93 -7.75
C ASP C 87 -28.17 6.97 -9.22
N VAL C 88 -26.89 7.27 -9.41
CA VAL C 88 -26.30 7.32 -10.76
C VAL C 88 -26.25 5.92 -11.37
N MSE C 89 -25.72 4.96 -10.62
CA MSE C 89 -25.69 3.56 -11.07
C MSE C 89 -27.11 3.06 -11.42
O MSE C 89 -27.29 2.47 -12.52
CB MSE C 89 -25.03 2.63 -10.04
CG MSE C 89 -25.04 1.17 -10.53
SE MSE C 89 -24.23 -0.01 -9.24
CE MSE C 89 -22.45 0.29 -9.83
N ARG C 90 -28.10 3.30 -10.55
CA ARG C 90 -29.48 2.85 -10.83
CA ARG C 90 -29.48 2.86 -10.82
C ARG C 90 -30.02 3.46 -12.11
N SER C 91 -29.71 4.75 -12.32
CA SER C 91 -30.16 5.48 -13.50
C SER C 91 -29.58 4.91 -14.81
N VAL C 92 -28.26 4.65 -14.81
CA VAL C 92 -27.56 4.08 -15.95
C VAL C 92 -28.16 2.69 -16.26
N ILE C 93 -28.31 1.85 -15.23
CA ILE C 93 -28.90 0.53 -15.43
C ILE C 93 -30.32 0.64 -16.02
N GLY C 94 -31.13 1.55 -15.47
CA GLY C 94 -32.49 1.78 -15.95
C GLY C 94 -32.51 2.21 -17.40
N GLU C 95 -31.62 3.15 -17.78
CA GLU C 95 -31.49 3.57 -19.22
C GLU C 95 -31.18 2.39 -20.13
N VAL C 96 -30.20 1.58 -19.69
CA VAL C 96 -29.75 0.45 -20.50
C VAL C 96 -30.84 -0.60 -20.67
N VAL C 97 -31.52 -0.96 -19.58
CA VAL C 97 -32.63 -1.93 -19.64
C VAL C 97 -33.77 -1.43 -20.56
N SER C 98 -34.08 -0.12 -20.47
CA SER C 98 -35.13 0.48 -21.28
CA SER C 98 -35.14 0.49 -21.28
C SER C 98 -34.80 0.43 -22.76
N GLN C 99 -33.56 0.77 -23.08
CA GLN C 99 -33.08 0.86 -24.46
CA GLN C 99 -33.10 0.85 -24.47
C GLN C 99 -32.70 -0.48 -25.10
N TYR C 100 -32.28 -1.46 -24.28
CA TYR C 100 -31.81 -2.76 -24.75
C TYR C 100 -32.51 -3.88 -23.99
N PRO C 101 -33.86 -3.93 -24.11
CA PRO C 101 -34.59 -5.01 -23.44
C PRO C 101 -34.16 -6.37 -23.95
N ALA C 102 -34.15 -7.35 -23.06
CA ALA C 102 -33.73 -8.70 -23.39
C ALA C 102 -34.46 -9.71 -22.52
N ASP C 103 -34.32 -10.97 -22.88
CA ASP C 103 -34.89 -12.08 -22.07
C ASP C 103 -34.12 -12.33 -20.76
N SER C 104 -32.83 -11.98 -20.75
CA SER C 104 -31.99 -12.04 -19.56
C SER C 104 -30.97 -10.91 -19.59
N TYR C 105 -30.43 -10.60 -18.41
CA TYR C 105 -29.49 -9.53 -18.22
C TYR C 105 -28.29 -10.00 -17.39
N GLY C 106 -27.12 -9.51 -17.75
CA GLY C 106 -25.92 -9.70 -16.95
C GLY C 106 -25.23 -8.38 -16.70
N LEU C 107 -24.48 -8.32 -15.60
CA LEU C 107 -23.77 -7.11 -15.18
C LEU C 107 -22.34 -7.49 -14.89
N VAL C 108 -21.41 -6.76 -15.51
CA VAL C 108 -19.99 -6.85 -15.17
C VAL C 108 -19.64 -5.57 -14.42
N LEU C 109 -19.23 -5.70 -13.16
CA LEU C 109 -18.83 -4.58 -12.31
C LEU C 109 -17.30 -4.55 -12.30
N TRP C 110 -16.73 -3.49 -12.87
CA TRP C 110 -15.31 -3.37 -13.14
C TRP C 110 -14.74 -2.19 -12.42
N SER C 111 -13.92 -2.44 -11.41
CA SER C 111 -13.22 -1.38 -10.68
C SER C 111 -12.34 -2.03 -9.62
N HIS C 112 -11.77 -1.21 -8.74
CA HIS C 112 -11.16 -1.74 -7.54
C HIS C 112 -12.19 -2.30 -6.59
N GLY C 113 -11.79 -3.28 -5.77
CA GLY C 113 -12.67 -3.87 -4.75
C GLY C 113 -11.92 -4.23 -3.48
N THR C 114 -12.63 -4.17 -2.35
CA THR C 114 -12.10 -4.51 -1.02
C THR C 114 -13.18 -5.25 -0.21
N ALA C 115 -13.92 -6.12 -0.86
CA ALA C 115 -14.98 -6.87 -0.20
C ALA C 115 -15.96 -5.90 0.47
N TRP C 116 -16.36 -6.20 1.70
CA TRP C 116 -17.29 -5.37 2.50
C TRP C 116 -16.58 -4.25 3.22
N LEU C 117 -15.25 -4.19 3.17
CA LEU C 117 -14.48 -3.30 4.02
CA LEU C 117 -14.48 -3.28 4.00
C LEU C 117 -14.85 -1.83 3.80
N PRO C 118 -14.92 -1.05 4.90
CA PRO C 118 -15.18 0.37 4.67
C PRO C 118 -14.05 0.97 3.86
N SER C 119 -14.37 1.92 3.00
CA SER C 119 -13.32 2.57 2.19
C SER C 119 -12.30 3.32 3.03
N ASP C 120 -12.67 3.75 4.25
CA ASP C 120 -11.75 4.38 5.21
C ASP C 120 -11.19 3.39 6.28
N TYR C 121 -11.12 2.09 5.91
CA TYR C 121 -10.66 1.03 6.83
C TYR C 121 -9.31 1.34 7.48
N GLN C 122 -8.43 2.08 6.80
CA GLN C 122 -7.10 2.39 7.35
C GLN C 122 -7.15 3.15 8.68
N ASN C 123 -8.20 3.95 8.84
CA ASN C 123 -8.46 4.68 10.08
C ASN C 123 -9.12 3.87 11.20
N LYS C 124 -9.49 2.62 10.90
CA LYS C 124 -10.10 1.72 11.86
C LYS C 124 -9.14 0.60 12.31
N LEU C 125 -7.84 0.74 12.04
CA LEU C 125 -6.83 -0.27 12.43
C LEU C 125 -6.15 0.02 13.77
N LYS C 126 -6.14 1.30 14.17
CA LYS C 126 -5.59 1.81 15.43
C LYS C 126 -6.70 2.58 16.15
N ALA D 1 -15.33 -2.36 0.19
CA ALA D 1 -15.94 -1.34 -0.68
C ALA D 1 -15.78 -1.78 -2.14
N PHE D 2 -16.52 -1.14 -3.04
CA PHE D 2 -16.43 -1.47 -4.46
C PHE D 2 -16.50 -0.18 -5.25
N GLY D 3 -15.63 -0.01 -6.25
CA GLY D 3 -15.78 1.10 -7.15
C GLY D 3 -15.13 2.34 -6.65
N GLN D 4 -14.01 2.70 -7.26
CA GLN D 4 -13.29 3.92 -6.88
C GLN D 4 -13.43 4.90 -8.01
N ASP D 5 -14.26 5.92 -7.78
CA ASP D 5 -14.50 6.97 -8.75
C ASP D 5 -13.88 8.21 -8.20
N GLY D 6 -12.62 8.45 -8.62
CA GLY D 6 -11.82 9.49 -8.04
C GLY D 6 -11.57 9.19 -6.58
N ASN D 7 -12.12 10.01 -5.70
CA ASN D 7 -12.09 9.72 -4.25
C ASN D 7 -13.32 9.04 -3.65
N ASN D 8 -14.35 8.83 -4.45
CA ASN D 8 -15.59 8.25 -3.95
C ASN D 8 -15.61 6.75 -4.14
N TRP D 9 -16.04 6.03 -3.11
CA TRP D 9 -16.20 4.60 -3.14
C TRP D 9 -17.63 4.24 -2.86
N MSE D 10 -18.04 3.08 -3.34
CA MSE D 10 -19.32 2.47 -2.93
C MSE D 10 -19.09 1.51 -1.78
O MSE D 10 -18.43 0.45 -1.94
CB MSE D 10 -20.05 1.75 -4.06
CG MSE D 10 -20.05 2.47 -5.34
SE MSE D 10 -21.23 1.57 -6.58
CE MSE D 10 -22.96 2.15 -5.92
N GLU D 11 -19.69 1.81 -0.64
CA GLU D 11 -19.72 0.83 0.44
C GLU D 11 -20.67 -0.29 0.00
N ILE D 12 -20.52 -1.47 0.59
CA ILE D 12 -21.29 -2.64 0.19
C ILE D 12 -22.82 -2.42 0.29
N ASP D 13 -23.25 -1.72 1.33
CA ASP D 13 -24.67 -1.39 1.43
C ASP D 13 -25.12 -0.38 0.38
N ASP D 14 -24.23 0.54 -0.03
CA ASP D 14 -24.48 1.52 -1.11
C ASP D 14 -24.59 0.78 -2.47
N LEU D 15 -23.70 -0.17 -2.73
CA LEU D 15 -23.73 -0.99 -3.94
C LEU D 15 -25.08 -1.68 -4.07
N ALA D 16 -25.56 -2.26 -2.96
CA ALA D 16 -26.87 -2.87 -2.93
C ALA D 16 -27.97 -1.87 -3.33
N LYS D 17 -27.89 -0.64 -2.84
CA LYS D 17 -28.86 0.42 -3.21
C LYS D 17 -28.79 0.80 -4.69
N GLY D 18 -27.62 0.62 -5.30
CA GLY D 18 -27.39 0.94 -6.71
C GLY D 18 -27.89 -0.10 -7.71
N LEU D 19 -28.31 -1.26 -7.23
CA LEU D 19 -28.70 -2.37 -8.04
C LEU D 19 -30.18 -2.68 -7.88
N PRO D 20 -30.90 -2.83 -9.01
CA PRO D 20 -32.28 -3.27 -8.88
C PRO D 20 -32.32 -4.71 -8.35
N ASP D 21 -33.40 -5.05 -7.66
CA ASP D 21 -33.59 -6.43 -7.19
C ASP D 21 -34.18 -7.25 -8.35
N ASP D 22 -33.75 -8.50 -8.45
CA ASP D 22 -34.39 -9.51 -9.34
C ASP D 22 -34.44 -9.13 -10.83
N LEU D 23 -33.37 -8.46 -11.30
CA LEU D 23 -33.23 -8.09 -12.70
C LEU D 23 -32.13 -8.97 -13.30
N PHE D 24 -30.92 -8.90 -12.74
CA PHE D 24 -29.80 -9.62 -13.33
C PHE D 24 -29.79 -11.10 -13.09
N ASP D 25 -29.47 -11.84 -14.13
CA ASP D 25 -29.17 -13.27 -14.00
C ASP D 25 -27.86 -13.44 -13.24
N PHE D 26 -26.85 -12.64 -13.58
CA PHE D 26 -25.59 -12.68 -12.86
C PHE D 26 -24.93 -11.33 -12.74
N ILE D 27 -24.06 -11.27 -11.75
CA ILE D 27 -23.10 -10.17 -11.59
C ILE D 27 -21.72 -10.82 -11.60
N LEU D 28 -20.84 -10.30 -12.46
CA LEU D 28 -19.45 -10.71 -12.55
C LEU D 28 -18.63 -9.54 -12.04
N PHE D 29 -17.90 -9.74 -10.95
CA PHE D 29 -17.03 -8.71 -10.41
C PHE D 29 -15.62 -8.87 -11.00
N ASP D 30 -15.24 -7.95 -11.85
CA ASP D 30 -13.83 -7.80 -12.26
C ASP D 30 -13.26 -6.74 -11.30
N ALA D 31 -12.92 -7.23 -10.10
CA ALA D 31 -12.54 -6.40 -8.95
C ALA D 31 -12.00 -7.31 -7.87
N CYS D 32 -11.04 -6.84 -7.10
CA CYS D 32 -10.48 -7.69 -6.06
C CYS D 32 -11.45 -7.95 -4.90
N TYR D 33 -11.31 -9.13 -4.30
CA TYR D 33 -11.91 -9.45 -3.00
C TYR D 33 -13.42 -9.55 -2.94
N MSE D 34 -14.11 -9.53 -4.06
CA MSE D 34 -15.60 -9.49 -3.98
C MSE D 34 -16.27 -10.82 -3.68
O MSE D 34 -17.43 -10.83 -3.27
CB MSE D 34 -16.18 -8.80 -5.20
CG MSE D 34 -15.61 -7.41 -5.41
SE MSE D 34 -15.75 -6.18 -3.93
CE MSE D 34 -17.62 -6.35 -3.49
N ALA D 35 -15.56 -11.95 -3.79
CA ALA D 35 -16.12 -13.27 -3.41
C ALA D 35 -15.96 -13.42 -1.88
N SER D 36 -16.79 -12.65 -1.20
CA SER D 36 -16.84 -12.51 0.24
C SER D 36 -18.26 -12.94 0.61
N VAL D 37 -18.40 -13.79 1.62
CA VAL D 37 -19.73 -14.27 2.02
C VAL D 37 -20.64 -13.10 2.37
N GLU D 38 -20.08 -12.10 3.04
CA GLU D 38 -20.87 -10.91 3.44
C GLU D 38 -21.38 -10.13 2.22
N CYS D 39 -20.53 -10.01 1.20
CA CYS D 39 -20.91 -9.29 -0.04
C CYS D 39 -21.97 -10.07 -0.84
N THR D 40 -21.76 -11.38 -0.99
CA THR D 40 -22.74 -12.21 -1.68
C THR D 40 -24.10 -12.20 -0.95
N TYR D 41 -24.08 -12.20 0.38
CA TYR D 41 -25.30 -12.12 1.15
C TYR D 41 -25.98 -10.78 0.97
N GLU D 42 -25.21 -9.69 1.00
CA GLU D 42 -25.77 -8.33 0.87
C GLU D 42 -26.43 -8.19 -0.51
N LEU D 43 -25.86 -8.84 -1.52
CA LEU D 43 -26.33 -8.77 -2.91
C LEU D 43 -27.16 -9.96 -3.34
N ARG D 44 -27.70 -10.71 -2.37
CA ARG D 44 -28.37 -11.97 -2.68
C ARG D 44 -29.62 -11.83 -3.54
N ASN D 45 -30.29 -10.68 -3.46
CA ASN D 45 -31.47 -10.40 -4.31
C ASN D 45 -31.17 -9.66 -5.59
N LYS D 46 -29.90 -9.44 -5.89
CA LYS D 46 -29.48 -8.67 -7.05
C LYS D 46 -29.09 -9.51 -8.22
N ALA D 47 -28.97 -10.82 -8.04
CA ALA D 47 -28.56 -11.73 -9.13
C ALA D 47 -28.89 -13.14 -8.74
N GLU D 48 -29.04 -14.04 -9.70
CA GLU D 48 -29.13 -15.46 -9.40
C GLU D 48 -27.74 -16.05 -9.08
N TYR D 49 -26.70 -15.49 -9.71
CA TYR D 49 -25.31 -15.94 -9.58
C TYR D 49 -24.36 -14.80 -9.44
N ILE D 50 -23.34 -14.97 -8.61
CA ILE D 50 -22.27 -13.99 -8.44
C ILE D 50 -20.96 -14.70 -8.75
N LEU D 51 -20.24 -14.20 -9.77
CA LEU D 51 -18.98 -14.78 -10.21
C LEU D 51 -17.92 -13.75 -9.82
N ALA D 52 -16.92 -14.17 -9.02
CA ALA D 52 -15.98 -13.23 -8.44
C ALA D 52 -14.73 -13.93 -7.92
N SER D 53 -13.73 -13.12 -7.57
CA SER D 53 -12.51 -13.60 -6.95
C SER D 53 -12.53 -13.28 -5.44
N PRO D 54 -12.17 -14.26 -4.62
CA PRO D 54 -12.00 -13.94 -3.17
C PRO D 54 -10.72 -13.20 -2.83
N THR D 55 -9.74 -13.19 -3.73
CA THR D 55 -8.47 -12.54 -3.52
C THR D 55 -8.27 -11.44 -4.56
N GLU D 56 -7.03 -11.05 -4.82
CA GLU D 56 -6.75 -10.02 -5.81
C GLU D 56 -6.54 -10.67 -7.15
N THR D 57 -6.83 -9.89 -8.18
CA THR D 57 -6.60 -10.28 -9.56
C THR D 57 -5.60 -9.34 -10.17
N MSE D 58 -4.93 -9.81 -11.20
CA MSE D 58 -3.93 -8.98 -11.89
C MSE D 58 -4.67 -7.84 -12.62
O MSE D 58 -5.83 -7.99 -13.02
CB MSE D 58 -3.07 -9.85 -12.82
CG MSE D 58 -2.41 -11.11 -12.15
SE MSE D 58 -1.21 -10.85 -10.57
CE MSE D 58 0.31 -9.87 -11.35
N ALA D 59 -4.02 -6.67 -12.72
CA ALA D 59 -4.68 -5.47 -13.28
C ALA D 59 -5.17 -5.61 -14.75
N ASP D 60 -4.56 -6.55 -15.49
CA ASP D 60 -5.04 -6.90 -16.84
C ASP D 60 -6.50 -7.41 -16.86
N GLY D 61 -6.98 -7.90 -15.72
CA GLY D 61 -8.38 -8.24 -15.50
C GLY D 61 -8.76 -9.57 -16.13
N TRP D 62 -10.04 -9.69 -16.42
CA TRP D 62 -10.59 -10.94 -16.93
C TRP D 62 -10.44 -11.05 -18.44
N PRO D 63 -10.34 -12.30 -18.98
CA PRO D 63 -10.09 -12.49 -20.43
C PRO D 63 -11.35 -12.37 -21.29
N TYR D 64 -11.76 -11.11 -21.56
CA TYR D 64 -13.04 -10.86 -22.24
C TYR D 64 -13.18 -11.47 -23.61
N GLU D 65 -12.12 -11.48 -24.41
CA GLU D 65 -12.18 -12.03 -25.75
C GLU D 65 -12.68 -13.48 -25.74
N GLU D 66 -12.11 -14.29 -24.85
CA GLU D 66 -12.45 -15.71 -24.74
C GLU D 66 -13.77 -15.93 -24.00
N MSE D 67 -14.07 -15.11 -23.01
CA MSE D 67 -15.34 -15.22 -22.28
C MSE D 67 -16.59 -14.85 -23.08
O MSE D 67 -17.69 -15.33 -22.79
CB MSE D 67 -15.30 -14.34 -21.05
CG MSE D 67 -14.38 -14.85 -20.05
SE MSE D 67 -14.02 -13.41 -18.76
CE MSE D 67 -15.73 -12.50 -18.59
N MSE D 68 -16.44 -13.97 -24.07
CA MSE D 68 -17.60 -13.38 -24.77
C MSE D 68 -18.63 -14.37 -25.32
O MSE D 68 -19.81 -14.23 -24.98
CB MSE D 68 -17.17 -12.40 -25.88
CG MSE D 68 -18.19 -11.40 -26.19
SE MSE D 68 -18.60 -10.31 -24.67
CE MSE D 68 -16.97 -9.32 -24.59
N PRO D 69 -18.19 -15.37 -26.10
CA PRO D 69 -19.21 -16.32 -26.57
C PRO D 69 -19.86 -17.10 -25.43
N GLN D 70 -19.14 -17.34 -24.33
CA GLN D 70 -19.70 -18.05 -23.16
C GLN D 70 -20.70 -17.17 -22.42
N LEU D 71 -20.41 -15.90 -22.30
CA LEU D 71 -21.33 -14.98 -21.61
C LEU D 71 -22.67 -14.78 -22.34
N PHE D 72 -22.66 -14.89 -23.67
CA PHE D 72 -23.84 -14.69 -24.51
C PHE D 72 -24.49 -15.99 -25.02
N ALA D 73 -24.02 -17.10 -24.48
CA ALA D 73 -24.47 -18.41 -24.89
C ALA D 73 -25.95 -18.62 -24.53
N THR D 74 -26.65 -19.31 -25.42
CA THR D 74 -28.05 -19.74 -25.15
C THR D 74 -28.12 -20.62 -23.88
N ASP D 75 -27.11 -21.47 -23.72
CA ASP D 75 -26.95 -22.32 -22.55
CA ASP D 75 -26.93 -22.36 -22.57
C ASP D 75 -25.85 -21.72 -21.68
N LEU D 76 -26.20 -20.63 -20.99
CA LEU D 76 -25.24 -19.93 -20.13
C LEU D 76 -24.79 -20.82 -18.97
N GLN D 77 -23.49 -21.04 -18.87
CA GLN D 77 -22.90 -21.88 -17.83
C GLN D 77 -21.76 -21.07 -17.25
N LEU D 78 -22.06 -20.33 -16.20
CA LEU D 78 -21.07 -19.40 -15.63
C LEU D 78 -19.81 -20.09 -15.06
N GLU D 79 -19.92 -21.36 -14.70
CA GLU D 79 -18.72 -22.11 -14.30
C GLU D 79 -17.71 -22.21 -15.46
N LYS D 80 -18.20 -22.22 -16.71
CA LYS D 80 -17.31 -22.20 -17.88
C LYS D 80 -16.58 -20.86 -17.99
N VAL D 81 -17.29 -19.77 -17.73
CA VAL D 81 -16.73 -18.42 -17.74
C VAL D 81 -15.66 -18.32 -16.63
N GLY D 82 -15.97 -18.82 -15.44
CA GLY D 82 -14.98 -18.88 -14.36
C GLY D 82 -13.76 -19.70 -14.70
N GLU D 83 -13.96 -20.84 -15.37
CA GLU D 83 -12.87 -21.71 -15.79
C GLU D 83 -11.99 -21.04 -16.86
N THR D 84 -12.60 -20.27 -17.74
CA THR D 84 -11.87 -19.50 -18.77
C THR D 84 -10.93 -18.47 -18.11
N PHE D 85 -11.43 -17.81 -17.07
CA PHE D 85 -10.61 -16.90 -16.24
C PHE D 85 -9.46 -17.64 -15.56
N TYR D 86 -9.79 -18.73 -14.86
CA TYR D 86 -8.78 -19.54 -14.17
C TYR D 86 -7.71 -20.09 -15.12
N ASN D 87 -8.14 -20.66 -16.24
CA ASN D 87 -7.24 -21.23 -17.22
C ASN D 87 -6.33 -20.17 -17.86
N HIS D 88 -6.87 -18.95 -18.06
CA HIS D 88 -6.07 -17.85 -18.60
C HIS D 88 -4.91 -17.57 -17.71
N TYR D 89 -5.19 -17.39 -16.42
CA TYR D 89 -4.13 -17.08 -15.43
C TYR D 89 -3.19 -18.21 -15.14
N LEU D 90 -3.70 -19.43 -15.15
CA LEU D 90 -2.82 -20.62 -15.04
C LEU D 90 -1.71 -20.62 -16.09
N ASN D 91 -2.02 -20.13 -17.29
CA ASN D 91 -1.10 -20.09 -18.43
C ASN D 91 -0.40 -18.74 -18.62
N ASN D 92 -0.44 -17.91 -17.59
CA ASN D 92 0.04 -16.53 -17.68
C ASN D 92 1.40 -16.42 -17.02
N THR D 93 2.16 -15.41 -17.43
CA THR D 93 3.39 -15.00 -16.76
C THR D 93 3.26 -14.83 -15.23
N TYR D 94 2.11 -14.35 -14.78
CA TYR D 94 1.80 -14.20 -13.33
C TYR D 94 0.60 -15.15 -13.03
N PRO D 95 0.91 -16.43 -12.70
CA PRO D 95 -0.15 -17.45 -12.60
C PRO D 95 -0.82 -17.45 -11.25
N TYR D 96 -1.50 -16.35 -10.96
CA TYR D 96 -2.08 -16.06 -9.65
C TYR D 96 -3.52 -15.61 -9.82
N ALA D 97 -4.44 -16.52 -9.53
CA ALA D 97 -5.85 -16.24 -9.66
C ALA D 97 -6.68 -17.16 -8.78
N THR D 98 -7.76 -16.60 -8.28
CA THR D 98 -8.78 -17.36 -7.56
C THR D 98 -10.14 -16.93 -8.08
N VAL D 99 -11.08 -17.88 -8.12
CA VAL D 99 -12.42 -17.58 -8.59
C VAL D 99 -13.44 -18.48 -7.88
N SER D 100 -14.66 -17.97 -7.79
CA SER D 100 -15.80 -18.77 -7.33
C SER D 100 -17.10 -18.28 -7.91
N LEU D 101 -18.06 -19.18 -7.94
CA LEU D 101 -19.43 -18.90 -8.41
C LEU D 101 -20.40 -19.26 -7.30
N THR D 102 -21.19 -18.26 -6.88
CA THR D 102 -22.14 -18.38 -5.79
C THR D 102 -23.55 -18.32 -6.31
N LYS D 103 -24.36 -19.32 -5.94
CA LYS D 103 -25.77 -19.42 -6.34
CA LYS D 103 -25.77 -19.40 -6.34
C LYS D 103 -26.55 -18.78 -5.19
N THR D 104 -27.08 -17.60 -5.43
CA THR D 104 -27.68 -16.77 -4.38
C THR D 104 -28.92 -17.35 -3.74
N SER D 105 -29.68 -18.16 -4.48
CA SER D 105 -30.86 -18.81 -3.91
C SER D 105 -30.55 -19.70 -2.70
N GLU D 106 -29.30 -20.16 -2.57
CA GLU D 106 -28.88 -21.03 -1.50
C GLU D 106 -28.26 -20.26 -0.34
N LEU D 107 -28.24 -18.93 -0.41
CA LEU D 107 -27.61 -18.16 0.68
C LEU D 107 -28.43 -18.07 1.96
N ASP D 108 -29.75 -18.08 1.86
CA ASP D 108 -30.57 -18.07 3.10
C ASP D 108 -30.37 -19.35 3.94
N ASN D 109 -30.31 -20.51 3.29
CA ASN D 109 -29.98 -21.77 3.99
C ASN D 109 -28.59 -21.76 4.60
N LEU D 110 -27.62 -21.21 3.87
CA LEU D 110 -26.27 -21.04 4.41
C LEU D 110 -26.29 -20.13 5.64
N LYS D 111 -27.01 -19.00 5.56
CA LYS D 111 -27.15 -18.06 6.69
C LYS D 111 -27.70 -18.76 7.92
N SER D 112 -28.74 -19.58 7.74
CA SER D 112 -29.32 -20.29 8.88
CA SER D 112 -29.33 -20.33 8.84
C SER D 112 -28.32 -21.28 9.49
N ALA D 113 -27.55 -21.96 8.65
CA ALA D 113 -26.54 -22.92 9.14
C ALA D 113 -25.47 -22.19 9.95
N ILE D 114 -25.09 -20.99 9.51
CA ILE D 114 -24.08 -20.18 10.19
C ILE D 114 -24.67 -19.54 11.47
N HIS D 115 -25.92 -19.07 11.40
CA HIS D 115 -26.59 -18.52 12.58
C HIS D 115 -26.60 -19.48 13.75
N ASP D 116 -26.86 -20.75 13.45
CA ASP D 116 -26.91 -21.79 14.48
C ASP D 116 -25.54 -22.10 15.09
N ILE D 117 -24.45 -21.77 14.38
CA ILE D 117 -23.09 -21.87 14.93
C ILE D 117 -22.69 -20.60 15.71
N LEU D 118 -22.96 -19.41 15.17
CA LEU D 118 -22.41 -18.13 15.66
C LEU D 118 -23.27 -17.29 16.59
N ALA D 119 -24.59 -17.47 16.57
CA ALA D 119 -25.47 -16.59 17.32
C ALA D 119 -25.25 -16.68 18.85
N ASP D 120 -24.93 -17.89 19.34
CA ASP D 120 -24.64 -18.13 20.77
C ASP D 120 -23.16 -17.93 21.21
N LYS D 121 -22.24 -17.66 20.27
CA LYS D 121 -20.81 -17.46 20.61
C LYS D 121 -20.62 -16.06 21.16
N THR D 122 -19.81 -15.94 22.20
CA THR D 122 -19.50 -14.65 22.80
C THR D 122 -18.35 -14.02 22.02
N GLU D 123 -18.12 -12.73 22.27
CA GLU D 123 -16.97 -11.98 21.70
C GLU D 123 -15.68 -12.75 22.08
N SER D 124 -15.60 -13.12 23.35
CA SER D 124 -14.51 -13.93 23.92
C SER D 124 -14.24 -15.25 23.14
N ASP D 125 -15.29 -16.00 22.83
CA ASP D 125 -15.16 -17.25 22.02
C ASP D 125 -14.51 -16.97 20.67
N ILE D 126 -14.96 -15.89 20.03
CA ILE D 126 -14.46 -15.52 18.70
C ILE D 126 -12.98 -15.08 18.77
N TYR D 127 -12.65 -14.30 19.80
CA TYR D 127 -11.26 -13.80 19.97
C TYR D 127 -10.29 -14.88 20.45
N SER D 128 -10.84 -15.99 20.98
CA SER D 128 -10.02 -17.12 21.42
CA SER D 128 -10.02 -17.11 21.43
C SER D 128 -9.40 -17.88 20.26
N LEU D 129 -9.95 -17.74 19.06
CA LEU D 129 -9.45 -18.44 17.87
C LEU D 129 -8.05 -17.97 17.50
N ASP D 130 -7.32 -18.82 16.80
CA ASP D 130 -5.97 -18.49 16.36
C ASP D 130 -6.04 -18.38 14.85
N PRO D 131 -6.12 -17.13 14.33
CA PRO D 131 -6.09 -16.96 12.87
C PRO D 131 -4.83 -17.50 12.16
N LYS D 132 -3.74 -17.74 12.90
CA LYS D 132 -2.55 -18.44 12.36
C LYS D 132 -2.86 -19.87 11.83
N ASN D 133 -3.91 -20.54 12.34
CA ASN D 133 -4.37 -21.86 11.84
C ASN D 133 -5.52 -21.79 10.80
N MSE D 134 -5.76 -20.62 10.23
CA MSE D 134 -6.74 -20.44 9.14
C MSE D 134 -6.01 -19.82 7.95
O MSE D 134 -5.02 -19.10 8.13
CB MSE D 134 -7.86 -19.50 9.59
CG MSE D 134 -8.58 -19.92 10.87
SE MSE D 134 -9.77 -18.42 11.33
CE MSE D 134 -10.23 -18.81 13.13
N GLN D 135 -6.51 -20.08 6.75
CA GLN D 135 -5.94 -19.52 5.51
C GLN D 135 -6.32 -18.06 5.41
N ARG D 136 -5.31 -17.21 5.44
CA ARG D 136 -5.48 -15.80 5.20
C ARG D 136 -5.66 -15.60 3.70
N LEU D 137 -6.59 -14.74 3.31
CA LEU D 137 -6.89 -14.50 1.89
C LEU D 137 -6.88 -13.03 1.52
N GLU D 138 -6.32 -12.20 2.39
CA GLU D 138 -6.31 -10.76 2.20
C GLU D 138 -5.09 -10.15 2.86
N TYR D 139 -4.42 -9.28 2.08
CA TYR D 139 -3.24 -8.58 2.54
C TYR D 139 -3.35 -7.14 2.03
N LEU D 140 -4.39 -6.45 2.48
CA LEU D 140 -4.52 -5.01 2.19
C LEU D 140 -3.45 -4.21 2.91
N TYR D 141 -3.16 -3.01 2.39
CA TYR D 141 -2.21 -2.13 3.01
C TYR D 141 -2.47 -1.87 4.51
N ARG D 142 -1.45 -2.13 5.32
CA ARG D 142 -1.50 -1.99 6.77
C ARG D 142 -2.42 -2.97 7.49
N SER D 143 -2.95 -3.97 6.78
CA SER D 143 -3.90 -4.90 7.39
C SER D 143 -3.15 -5.91 8.23
N PRO D 144 -3.66 -6.23 9.45
CA PRO D 144 -3.07 -7.32 10.20
C PRO D 144 -3.66 -8.68 9.80
N GLY D 145 -4.58 -8.75 8.83
CA GLY D 145 -5.21 -10.01 8.40
C GLY D 145 -6.61 -9.99 8.97
N MSE D 146 -7.56 -9.66 8.11
CA MSE D 146 -8.95 -9.54 8.44
C MSE D 146 -9.85 -10.56 7.75
O MSE D 146 -10.81 -11.03 8.39
CB MSE D 146 -9.41 -8.12 8.08
CG MSE D 146 -8.60 -7.08 8.85
SE MSE D 146 -9.20 -5.28 8.48
CE MSE D 146 -8.54 -5.12 6.63
N LEU D 147 -9.58 -10.88 6.47
CA LEU D 147 -10.40 -11.80 5.69
C LEU D 147 -9.69 -13.13 5.57
N TYR D 148 -10.39 -14.18 5.95
CA TYR D 148 -9.87 -15.54 5.94
C TYR D 148 -10.80 -16.45 5.18
N ASP D 149 -10.33 -17.65 4.86
CA ASP D 149 -11.17 -18.66 4.21
C ASP D 149 -12.38 -18.93 5.11
N PHE D 150 -13.56 -18.86 4.53
CA PHE D 150 -14.85 -19.01 5.25
C PHE D 150 -14.94 -20.37 5.94
N ASN D 151 -14.62 -21.42 5.20
CA ASN D 151 -14.59 -22.76 5.77
C ASN D 151 -13.64 -22.90 6.96
N ASP D 152 -12.42 -22.37 6.85
CA ASP D 152 -11.46 -22.46 7.94
C ASP D 152 -11.95 -21.82 9.22
N TYR D 153 -12.60 -20.67 9.14
CA TYR D 153 -13.16 -20.00 10.31
C TYR D 153 -14.28 -20.81 10.94
N ILE D 154 -15.23 -21.24 10.13
CA ILE D 154 -16.41 -21.95 10.64
C ILE D 154 -16.03 -23.31 11.27
N LYS D 155 -15.05 -24.00 10.66
CA LYS D 155 -14.51 -25.26 11.22
C LYS D 155 -13.97 -25.15 12.67
N GLN D 156 -13.41 -23.99 13.02
CA GLN D 156 -12.90 -23.74 14.37
C GLN D 156 -14.01 -23.57 15.42
N LEU D 157 -15.20 -23.18 14.97
CA LEU D 157 -16.36 -22.83 15.83
C LEU D 157 -17.49 -23.86 15.90
N ALA D 158 -17.63 -24.68 14.86
CA ALA D 158 -18.74 -25.63 14.74
C ALA D 158 -18.51 -26.94 15.43
N THR D 159 -19.60 -27.53 15.94
CA THR D 159 -19.55 -28.94 16.39
C THR D 159 -19.53 -29.77 15.10
N ALA D 160 -19.26 -31.07 15.22
CA ALA D 160 -19.25 -31.97 14.04
C ALA D 160 -20.56 -31.99 13.24
N GLU D 161 -21.70 -32.08 13.93
CA GLU D 161 -23.01 -32.06 13.27
C GLU D 161 -23.29 -30.69 12.61
N GLN D 162 -22.94 -29.62 13.32
CA GLN D 162 -23.08 -28.25 12.80
C GLN D 162 -22.19 -28.05 11.57
N TYR D 163 -21.00 -28.63 11.58
CA TYR D 163 -20.06 -28.54 10.45
C TYR D 163 -20.55 -29.32 9.22
N ASP D 164 -21.11 -30.51 9.43
CA ASP D 164 -21.64 -31.31 8.30
C ASP D 164 -22.83 -30.60 7.64
N ARG D 165 -23.69 -29.96 8.43
CA ARG D 165 -24.78 -29.13 7.88
C ARG D 165 -24.21 -27.95 7.08
N PHE D 166 -23.22 -27.26 7.67
CA PHE D 166 -22.54 -26.16 7.02
C PHE D 166 -21.96 -26.57 5.65
N ILE D 167 -21.21 -27.67 5.60
CA ILE D 167 -20.59 -28.14 4.34
C ILE D 167 -21.64 -28.46 3.28
N SER D 168 -22.76 -29.06 3.69
CA SER D 168 -23.86 -29.36 2.77
CA SER D 168 -23.86 -29.35 2.76
C SER D 168 -24.45 -28.08 2.18
N CYS D 169 -24.65 -27.06 3.03
CA CYS D 169 -25.15 -25.76 2.59
C CYS D 169 -24.11 -25.01 1.73
N LEU D 170 -22.85 -25.05 2.15
CA LEU D 170 -21.77 -24.41 1.40
C LEU D 170 -21.64 -24.98 -0.02
N ASP D 171 -21.74 -26.29 -0.15
CA ASP D 171 -21.63 -26.94 -1.48
C ASP D 171 -22.80 -26.61 -2.41
N LYS D 172 -23.98 -26.35 -1.86
CA LYS D 172 -25.12 -25.88 -2.66
C LYS D 172 -24.94 -24.41 -3.08
N ALA D 173 -24.27 -23.60 -2.27
CA ALA D 173 -24.09 -22.16 -2.58
C ALA D 173 -22.91 -21.92 -3.52
N VAL D 174 -21.75 -22.51 -3.19
CA VAL D 174 -20.53 -22.34 -3.99
C VAL D 174 -20.48 -23.53 -4.93
N VAL D 175 -20.96 -23.31 -6.14
CA VAL D 175 -21.15 -24.36 -7.12
C VAL D 175 -19.94 -24.59 -8.03
N TYR D 176 -19.03 -23.64 -8.07
CA TYR D 176 -17.77 -23.78 -8.78
C TYR D 176 -16.73 -22.96 -8.07
N LYS D 177 -15.52 -23.49 -7.97
CA LYS D 177 -14.38 -22.69 -7.47
C LYS D 177 -13.08 -23.23 -8.04
N ALA D 178 -12.08 -22.37 -8.10
CA ALA D 178 -10.75 -22.77 -8.54
C ALA D 178 -9.71 -21.78 -8.00
N HIS D 179 -8.50 -22.28 -7.79
CA HIS D 179 -7.39 -21.43 -7.39
C HIS D 179 -6.08 -21.94 -7.89
N THR D 180 -5.19 -21.00 -8.23
CA THR D 180 -3.81 -21.32 -8.56
C THR D 180 -3.05 -21.64 -7.24
N PRO D 181 -1.87 -22.25 -7.32
CA PRO D 181 -1.11 -22.56 -6.09
C PRO D 181 -0.85 -21.35 -5.18
N LYS D 182 -0.60 -20.19 -5.77
CA LYS D 182 -0.38 -18.94 -5.04
C LYS D 182 -1.28 -17.82 -5.51
N SER D 183 -1.49 -16.84 -4.63
CA SER D 183 -2.24 -15.65 -4.94
C SER D 183 -1.36 -14.44 -4.69
N TYR D 184 -1.43 -13.45 -5.57
CA TYR D 184 -0.57 -12.26 -5.50
C TYR D 184 -1.28 -11.09 -4.82
N TYR D 185 -0.59 -10.45 -3.87
CA TYR D 185 -1.13 -9.32 -3.10
C TYR D 185 -0.27 -8.08 -3.32
N ALA D 186 -0.89 -7.01 -3.83
CA ALA D 186 -0.18 -5.77 -4.18
C ALA D 186 0.57 -5.12 -3.03
N ALA D 187 -0.06 -5.06 -1.87
CA ALA D 187 0.53 -4.38 -0.70
C ALA D 187 1.81 -4.98 -0.15
N ILE D 188 2.00 -6.29 -0.33
CA ILE D 188 3.21 -7.01 0.13
C ILE D 188 4.19 -7.32 -1.01
N GLY D 189 3.77 -7.09 -2.25
CA GLY D 189 4.67 -7.28 -3.40
C GLY D 189 5.06 -8.73 -3.59
N ASN D 190 4.13 -9.64 -3.35
CA ASN D 190 4.46 -11.07 -3.34
C ASN D 190 3.24 -11.96 -3.45
N ALA D 191 3.47 -13.18 -3.92
CA ALA D 191 2.47 -14.20 -4.07
C ALA D 191 2.69 -15.22 -2.98
N LEU D 192 1.62 -15.63 -2.32
CA LEU D 192 1.67 -16.53 -1.15
C LEU D 192 0.77 -17.73 -1.37
N PRO D 193 1.16 -18.91 -0.83
CA PRO D 193 0.38 -20.10 -1.12
C PRO D 193 -1.00 -20.15 -0.50
N ILE D 194 -1.89 -20.84 -1.20
CA ILE D 194 -3.24 -21.13 -0.74
C ILE D 194 -3.27 -22.63 -0.41
N LYS D 195 -3.37 -22.95 0.88
CA LYS D 195 -3.41 -24.33 1.41
C LYS D 195 -4.81 -24.86 1.67
N SER D 196 -5.78 -23.97 1.79
CA SER D 196 -7.18 -24.34 2.06
C SER D 196 -8.01 -23.32 1.33
N TYR D 197 -9.04 -23.76 0.63
CA TYR D 197 -9.79 -22.85 -0.23
C TYR D 197 -11.23 -23.32 -0.47
N CYS D 198 -12.20 -22.53 -0.03
CA CYS D 198 -13.64 -22.85 -0.24
C CYS D 198 -14.30 -21.93 -1.24
N GLY D 199 -13.62 -20.88 -1.69
CA GLY D 199 -14.15 -19.94 -2.68
C GLY D 199 -14.68 -18.64 -2.13
N LEU D 200 -14.91 -18.58 -0.81
CA LEU D 200 -15.39 -17.35 -0.16
C LEU D 200 -14.53 -16.99 1.04
N THR D 201 -14.41 -15.69 1.27
CA THR D 201 -13.82 -15.15 2.48
C THR D 201 -14.89 -14.77 3.50
N ILE D 202 -14.45 -14.64 4.74
CA ILE D 202 -15.25 -14.09 5.82
C ILE D 202 -14.36 -13.23 6.71
N PHE D 203 -14.98 -12.24 7.30
CA PHE D 203 -14.33 -11.48 8.38
C PHE D 203 -14.12 -12.34 9.61
N VAL D 204 -12.91 -12.30 10.15
CA VAL D 204 -12.59 -12.92 11.44
C VAL D 204 -12.40 -11.76 12.43
N PRO D 205 -13.42 -11.48 13.29
CA PRO D 205 -13.27 -10.44 14.28
C PRO D 205 -12.11 -10.75 15.22
N GLN D 206 -11.35 -9.72 15.57
CA GLN D 206 -10.18 -9.89 16.45
C GLN D 206 -10.15 -8.80 17.49
N GLU D 207 -9.62 -9.15 18.67
CA GLU D 207 -9.61 -8.24 19.82
C GLU D 207 -8.86 -6.94 19.52
N SER D 208 -7.86 -6.98 18.64
CA SER D 208 -7.12 -5.80 18.25
C SER D 208 -7.86 -4.87 17.27
N LEU D 209 -9.00 -5.28 16.71
CA LEU D 209 -9.72 -4.47 15.70
C LEU D 209 -11.16 -4.14 16.09
N PRO D 210 -11.35 -3.53 17.27
CA PRO D 210 -12.73 -3.22 17.69
C PRO D 210 -13.48 -2.23 16.80
N LYS D 211 -12.79 -1.24 16.24
CA LYS D 211 -13.43 -0.28 15.33
C LYS D 211 -13.92 -0.95 14.05
N MSE D 212 -13.19 -1.98 13.57
CA MSE D 212 -13.60 -2.70 12.38
C MSE D 212 -14.88 -3.49 12.72
O MSE D 212 -15.81 -3.49 11.92
CB MSE D 212 -12.49 -3.61 11.84
CG MSE D 212 -12.66 -3.90 10.39
SE MSE D 212 -12.24 -2.26 9.32
CE MSE D 212 -10.35 -2.04 9.74
N LEU D 213 -14.92 -4.15 13.88
CA LEU D 213 -16.12 -4.90 14.30
C LEU D 213 -17.32 -3.96 14.45
N GLU D 214 -17.14 -2.78 15.01
CA GLU D 214 -18.30 -1.85 15.21
C GLU D 214 -18.92 -1.45 13.87
N TRP D 215 -18.08 -1.17 12.87
CA TRP D 215 -18.55 -0.84 11.55
C TRP D 215 -19.26 -1.99 10.90
N TYR D 216 -18.66 -3.18 10.99
CA TYR D 216 -19.24 -4.43 10.47
C TYR D 216 -20.62 -4.67 11.03
N LYS D 217 -20.76 -4.50 12.33
CA LYS D 217 -22.06 -4.67 12.99
C LYS D 217 -23.12 -3.70 12.46
N GLN D 218 -22.74 -2.44 12.28
CA GLN D 218 -23.70 -1.40 11.89
C GLN D 218 -24.04 -1.41 10.41
N ARG D 219 -23.09 -1.81 9.57
CA ARG D 219 -23.21 -1.68 8.12
C ARG D 219 -23.26 -2.91 7.24
N VAL D 220 -22.89 -4.08 7.75
CA VAL D 220 -22.81 -5.30 6.94
C VAL D 220 -23.96 -6.20 7.41
N GLY D 221 -24.95 -6.42 6.55
CA GLY D 221 -26.14 -7.18 6.94
C GLY D 221 -25.89 -8.56 7.49
N TRP D 222 -24.84 -9.21 7.00
CA TRP D 222 -24.46 -10.53 7.51
C TRP D 222 -24.28 -10.58 9.00
N TYR D 223 -23.74 -9.51 9.62
CA TYR D 223 -23.49 -9.54 11.06
C TYR D 223 -24.80 -9.82 11.82
N LYS D 224 -25.80 -8.97 11.60
CA LYS D 224 -27.09 -9.15 12.29
C LYS D 224 -27.73 -10.51 11.94
N ALA D 225 -27.57 -10.95 10.68
CA ALA D 225 -28.17 -12.19 10.21
C ALA D 225 -27.63 -13.46 10.89
N VAL D 226 -26.33 -13.49 11.22
CA VAL D 226 -25.72 -14.70 11.77
C VAL D 226 -25.20 -14.57 13.21
N TYR D 227 -24.89 -13.35 13.67
CA TYR D 227 -24.37 -13.20 15.04
C TYR D 227 -25.45 -12.85 16.06
N GLU D 228 -26.59 -12.32 15.60
CA GLU D 228 -27.71 -11.97 16.50
C GLU D 228 -28.93 -12.82 16.22
C1 EDO E . 9.66 -3.61 2.09
O1 EDO E . 9.45 -3.05 0.79
C2 EDO E . 9.02 -4.99 2.18
O2 EDO E . 9.92 -5.97 1.62
C1 EDO F . 18.51 7.85 32.85
O1 EDO F . 18.09 9.22 32.93
C2 EDO F . 18.09 7.17 34.14
O2 EDO F . 16.65 7.20 34.19
C1 EDO G . -1.10 8.42 15.19
O1 EDO G . -1.34 7.43 16.21
C2 EDO G . -1.71 7.91 13.88
O2 EDO G . -1.11 6.68 13.49
C1 EDO H . -13.00 3.81 -24.70
O1 EDO H . -13.14 3.91 -26.11
C2 EDO H . -11.82 2.91 -24.34
O2 EDO H . -10.66 3.14 -25.16
C1 EDO I . -28.04 11.94 -8.11
O1 EDO I . -29.39 11.54 -7.83
C2 EDO I . -27.50 12.54 -6.82
O2 EDO I . -27.47 11.62 -5.74
C1 EDO J . -7.19 0.56 -4.35
O1 EDO J . -6.90 1.92 -4.03
C2 EDO J . -5.97 -0.06 -5.01
O2 EDO J . -4.89 0.01 -4.07
C1 EDO K . -24.84 -21.05 -13.99
O1 EDO K . -24.78 -20.26 -15.18
C2 EDO K . -25.98 -22.04 -14.18
O2 EDO K . -25.89 -22.71 -15.46
#